data_4EEO
#
_entry.id   4EEO
#
_cell.length_a   107.804
_cell.length_b   198.217
_cell.length_c   143.732
_cell.angle_alpha   90.00
_cell.angle_beta   90.00
_cell.angle_gamma   90.00
#
_symmetry.space_group_name_H-M   'C 2 2 21'
#
loop_
_entity.id
_entity.type
_entity.pdbx_description
1 polymer 'Beta-1,4-galactosyltransferase 1'
2 branched '2-acetamido-2-deoxy-beta-D-glucopyranose-(1-6)-benzyl 2-acetamido-2-deoxy-alpha-D-glucopyranoside'
3 non-polymer "URIDINE-5'-DIPHOSPHATE"
4 non-polymer 'MANGANESE (II) ION'
5 non-polymer 'SULFATE ION'
6 non-polymer GLYCEROL
7 water water
#
_entity_poly.entity_id   1
_entity_poly.type   'polypeptide(L)'
_entity_poly.pdbx_seq_one_letter_code
;ASMTGGQQMGRGSASLPACPEESPLLVGPMLIEFNMPVDLELVAKQNPNVKMGGRYAPRDCVSPHKVAIIIPFRNRQEHL
KYWLYYLHPVLQRQQLDYGIYVINQAGDTIFNRAKLLNVGFQEALKDYDYTCFVFSDVDLIPMNDHNAYRCFSQPRHISV
AMDKFGFSLPYVQYFGGVSALSKQQFLTINGFPNNYWGWGGEDDDIFNRLVFRGMSISRPNAVVGTTRHIRHSRDKKNEP
NPQRFDRIAHTKETMLSDGLNSLTYQVLDVQRYPLYTQITVDIGTPS
;
_entity_poly.pdbx_strand_id   A,B,C
#
loop_
_chem_comp.id
_chem_comp.type
_chem_comp.name
_chem_comp.formula
BBV D-saccharide 'benzyl 2-acetamido-2-deoxy-alpha-D-glucopyranoside' 'C15 H21 N O6'
GOL non-polymer GLYCEROL 'C3 H8 O3'
MN non-polymer 'MANGANESE (II) ION' 'Mn 2'
NAG D-saccharide, beta linking 2-acetamido-2-deoxy-beta-D-glucopyranose 'C8 H15 N O6'
SO4 non-polymer 'SULFATE ION' 'O4 S -2'
UDP RNA linking URIDINE-5'-DIPHOSPHATE 'C9 H14 N2 O12 P2'
#
# COMPACT_ATOMS: atom_id res chain seq x y z
N SER A 15 2.30 -28.02 -19.32
CA SER A 15 2.44 -26.79 -20.15
C SER A 15 2.42 -25.39 -19.42
N LEU A 16 1.73 -25.21 -18.28
CA LEU A 16 1.88 -23.96 -17.50
C LEU A 16 3.36 -23.76 -17.04
N PRO A 17 3.88 -22.50 -17.04
CA PRO A 17 5.30 -22.38 -16.61
C PRO A 17 5.39 -22.23 -15.08
N ALA A 18 6.59 -22.41 -14.53
CA ALA A 18 6.82 -22.18 -13.10
C ALA A 18 6.39 -20.75 -12.75
N CYS A 19 5.70 -20.57 -11.63
CA CYS A 19 5.56 -19.24 -11.03
C CYS A 19 6.93 -18.59 -10.87
N PRO A 20 6.98 -17.27 -10.95
CA PRO A 20 8.31 -16.73 -10.69
C PRO A 20 8.75 -16.93 -9.20
N GLU A 21 10.06 -16.84 -8.99
CA GLU A 21 10.68 -17.15 -7.70
C GLU A 21 10.05 -16.38 -6.58
N GLU A 22 9.88 -15.08 -6.79
CA GLU A 22 9.15 -14.26 -5.86
C GLU A 22 7.90 -13.80 -6.58
N SER A 23 6.79 -13.80 -5.86
CA SER A 23 5.56 -13.29 -6.42
C SER A 23 5.56 -11.77 -6.73
N PRO A 24 5.16 -11.38 -7.96
CA PRO A 24 4.99 -10.00 -8.39
C PRO A 24 3.79 -9.33 -7.78
N LEU A 25 2.91 -10.10 -7.15
CA LEU A 25 1.66 -9.62 -6.61
C LEU A 25 1.73 -8.93 -5.24
N LEU A 26 2.84 -9.12 -4.53
CA LEU A 26 2.95 -8.71 -3.14
C LEU A 26 2.96 -7.19 -3.02
N VAL A 27 2.22 -6.71 -2.04
CA VAL A 27 2.15 -5.29 -1.73
C VAL A 27 2.88 -4.89 -0.46
N GLY A 28 3.58 -5.82 0.19
CA GLY A 28 4.36 -5.47 1.39
C GLY A 28 3.47 -5.21 2.59
N PRO A 29 3.70 -4.09 3.29
CA PRO A 29 3.03 -3.93 4.59
C PRO A 29 1.53 -3.70 4.49
N MET A 30 0.79 -4.13 5.53
CA MET A 30 -0.66 -4.19 5.49
C MET A 30 -1.23 -3.72 6.81
N LEU A 31 -2.45 -3.18 6.74
CA LEU A 31 -3.09 -2.78 7.96
C LEU A 31 -3.91 -3.95 8.53
N ILE A 32 -3.74 -4.20 9.83
CA ILE A 32 -4.28 -5.39 10.48
C ILE A 32 -5.05 -4.97 11.72
N GLU A 33 -6.32 -5.37 11.81
CA GLU A 33 -7.07 -5.01 13.01
C GLU A 33 -8.08 -6.08 13.36
N PHE A 34 -8.44 -6.15 14.64
CA PHE A 34 -9.26 -7.25 15.16
C PHE A 34 -10.42 -6.72 15.99
N ASN A 35 -11.05 -5.65 15.52
CA ASN A 35 -12.08 -5.02 16.32
C ASN A 35 -13.46 -4.96 15.62
N MET A 36 -13.51 -5.47 14.39
CA MET A 36 -14.75 -5.62 13.62
C MET A 36 -15.19 -7.10 13.48
N PRO A 37 -16.50 -7.35 13.27
CA PRO A 37 -16.98 -8.74 13.13
C PRO A 37 -16.65 -9.26 11.73
N VAL A 38 -16.59 -10.59 11.61
CA VAL A 38 -16.19 -11.23 10.36
C VAL A 38 -17.27 -12.22 9.99
N ASP A 39 -17.59 -12.26 8.70
CA ASP A 39 -18.61 -13.14 8.24
C ASP A 39 -17.95 -14.00 7.15
N LEU A 40 -17.83 -15.30 7.43
CA LEU A 40 -17.01 -16.18 6.59
C LEU A 40 -17.70 -16.42 5.29
N GLU A 41 -19.02 -16.30 5.31
CA GLU A 41 -19.81 -16.24 4.06
C GLU A 41 -19.25 -15.18 3.14
N LEU A 42 -19.14 -13.96 3.65
CA LEU A 42 -18.54 -12.84 2.90
C LEU A 42 -17.09 -13.14 2.47
N VAL A 43 -16.27 -13.57 3.43
CA VAL A 43 -14.86 -13.95 3.12
C VAL A 43 -14.80 -14.94 1.99
N ALA A 44 -15.64 -15.97 2.04
CA ALA A 44 -15.71 -16.95 0.95
C ALA A 44 -16.05 -16.24 -0.38
N LYS A 45 -17.04 -15.35 -0.37
CA LYS A 45 -17.39 -14.61 -1.58
C LYS A 45 -16.29 -13.65 -2.04
N GLN A 46 -15.62 -13.02 -1.08
CA GLN A 46 -14.35 -12.29 -1.38
C GLN A 46 -13.16 -13.16 -1.84
N ASN A 47 -13.27 -14.48 -1.69
CA ASN A 47 -12.21 -15.37 -2.13
C ASN A 47 -12.56 -16.48 -3.13
N PRO A 48 -13.23 -16.10 -4.24
CA PRO A 48 -13.84 -17.06 -5.16
C PRO A 48 -12.88 -18.11 -5.70
N ASN A 49 -11.60 -17.82 -5.66
CA ASN A 49 -10.69 -18.84 -6.15
C ASN A 49 -10.36 -19.92 -5.10
N VAL A 50 -10.77 -19.73 -3.86
CA VAL A 50 -10.50 -20.74 -2.86
C VAL A 50 -11.55 -21.85 -2.94
N LYS A 51 -11.07 -23.07 -3.17
CA LYS A 51 -11.92 -24.21 -3.42
C LYS A 51 -12.25 -24.97 -2.17
N MET A 52 -13.30 -25.78 -2.23
CA MET A 52 -13.86 -26.37 -1.03
C MET A 52 -12.76 -26.99 -0.15
N GLY A 53 -12.83 -26.74 1.15
CA GLY A 53 -11.78 -27.23 2.06
C GLY A 53 -10.58 -26.32 2.20
N GLY A 54 -10.62 -25.20 1.48
CA GLY A 54 -9.63 -24.15 1.67
C GLY A 54 -8.38 -24.45 0.87
N ARG A 55 -8.59 -24.87 -0.37
CA ARG A 55 -7.53 -25.26 -1.26
C ARG A 55 -7.42 -24.26 -2.38
N TYR A 56 -6.19 -23.94 -2.77
CA TYR A 56 -5.97 -22.95 -3.76
C TYR A 56 -4.65 -23.27 -4.40
N ALA A 57 -4.62 -23.26 -5.73
CA ALA A 57 -3.35 -23.21 -6.46
C ALA A 57 -3.52 -22.16 -7.60
N PRO A 58 -2.45 -21.49 -8.04
CA PRO A 58 -2.71 -20.45 -9.03
C PRO A 58 -3.15 -21.04 -10.37
N ARG A 59 -4.04 -20.33 -11.07
CA ARG A 59 -4.41 -20.79 -12.40
C ARG A 59 -3.36 -20.49 -13.41
N ASP A 60 -2.49 -19.51 -13.18
CA ASP A 60 -1.64 -18.99 -14.27
C ASP A 60 -0.23 -19.58 -14.34
N CYS A 61 0.20 -20.28 -13.28
CA CYS A 61 1.56 -20.87 -13.22
C CYS A 61 1.63 -21.98 -12.17
N VAL A 62 2.66 -22.83 -12.24
CA VAL A 62 2.81 -23.91 -11.26
C VAL A 62 3.70 -23.52 -10.05
N SER A 63 3.13 -23.43 -8.86
CA SER A 63 3.99 -23.13 -7.68
C SER A 63 4.86 -24.29 -7.32
N PRO A 64 6.17 -24.05 -7.04
CA PRO A 64 6.92 -25.18 -6.45
C PRO A 64 6.55 -25.40 -4.94
N HIS A 65 5.72 -24.52 -4.37
CA HIS A 65 5.40 -24.62 -2.93
C HIS A 65 4.07 -25.30 -2.68
N LYS A 66 4.12 -26.58 -2.26
CA LYS A 66 2.90 -27.38 -2.02
C LYS A 66 2.79 -27.44 -0.51
N VAL A 67 2.01 -26.52 0.00
CA VAL A 67 2.03 -26.20 1.39
C VAL A 67 0.71 -26.56 2.09
N ALA A 68 0.81 -27.29 3.17
CA ALA A 68 -0.33 -27.53 4.03
C ALA A 68 -0.07 -26.70 5.26
N ILE A 69 -1.03 -25.86 5.63
CA ILE A 69 -0.90 -24.98 6.75
C ILE A 69 -1.74 -25.60 7.88
N ILE A 70 -1.09 -25.83 9.03
CA ILE A 70 -1.66 -26.58 10.13
C ILE A 70 -1.87 -25.72 11.34
N ILE A 71 -3.11 -25.66 11.78
CA ILE A 71 -3.46 -24.83 12.90
C ILE A 71 -3.94 -25.72 14.07
N PRO A 72 -3.24 -25.67 15.20
CA PRO A 72 -3.76 -26.40 16.40
C PRO A 72 -4.90 -25.62 16.96
N PHE A 73 -5.96 -26.29 17.36
CA PHE A 73 -7.21 -25.60 17.60
C PHE A 73 -8.03 -26.24 18.66
N ARG A 74 -8.49 -25.42 19.60
CA ARG A 74 -9.75 -25.71 20.30
C ARG A 74 -10.41 -24.44 20.84
N ASN A 75 -11.68 -24.22 20.47
CA ASN A 75 -12.51 -23.12 21.06
CA ASN A 75 -12.50 -23.13 21.09
C ASN A 75 -11.89 -21.75 20.80
N ARG A 76 -11.57 -21.50 19.53
CA ARG A 76 -11.03 -20.21 19.13
C ARG A 76 -11.64 -19.87 17.80
N GLN A 77 -12.93 -20.15 17.65
CA GLN A 77 -13.64 -19.84 16.40
C GLN A 77 -13.47 -18.37 16.01
N GLU A 78 -13.52 -17.47 16.98
CA GLU A 78 -13.45 -16.05 16.68
C GLU A 78 -12.08 -15.70 16.08
N HIS A 79 -10.99 -16.19 16.68
CA HIS A 79 -9.64 -15.95 16.11
C HIS A 79 -9.51 -16.55 14.71
N LEU A 80 -10.09 -17.73 14.52
CA LEU A 80 -9.98 -18.42 13.24
C LEU A 80 -10.59 -17.60 12.09
N LYS A 81 -11.73 -16.97 12.33
CA LYS A 81 -12.33 -16.17 11.25
C LYS A 81 -11.42 -14.97 10.95
N TYR A 82 -10.82 -14.37 11.98
CA TYR A 82 -9.81 -13.35 11.68
C TYR A 82 -8.64 -13.91 10.86
N TRP A 83 -8.16 -15.10 11.27
CA TRP A 83 -7.03 -15.77 10.62
C TRP A 83 -7.37 -16.00 9.19
N LEU A 84 -8.55 -16.51 8.94
CA LEU A 84 -9.03 -16.82 7.58
C LEU A 84 -9.19 -15.58 6.70
N TYR A 85 -9.81 -14.55 7.29
CA TYR A 85 -10.00 -13.25 6.63
C TYR A 85 -8.68 -12.64 6.16
N TYR A 86 -7.65 -12.65 7.02
CA TYR A 86 -6.36 -12.04 6.65
C TYR A 86 -5.48 -12.95 5.80
N LEU A 87 -5.29 -14.22 6.19
CA LEU A 87 -4.32 -15.08 5.51
C LEU A 87 -4.69 -15.47 4.07
N HIS A 88 -5.95 -15.78 3.83
CA HIS A 88 -6.33 -16.33 2.50
C HIS A 88 -5.90 -15.39 1.38
N PRO A 89 -6.17 -14.08 1.52
CA PRO A 89 -5.71 -13.29 0.37
C PRO A 89 -4.22 -13.21 0.23
N VAL A 90 -3.49 -13.26 1.35
CA VAL A 90 -2.00 -13.21 1.35
C VAL A 90 -1.38 -14.44 0.75
N LEU A 91 -1.94 -15.60 1.07
CA LEU A 91 -1.39 -16.86 0.61
C LEU A 91 -1.67 -16.99 -0.92
N GLN A 92 -2.78 -16.42 -1.40
CA GLN A 92 -3.00 -16.34 -2.85
C GLN A 92 -2.04 -15.39 -3.53
N ARG A 93 -1.75 -14.25 -2.91
CA ARG A 93 -0.79 -13.35 -3.57
C ARG A 93 0.58 -13.98 -3.59
N GLN A 94 0.90 -14.75 -2.52
CA GLN A 94 2.19 -15.49 -2.47
C GLN A 94 2.28 -16.64 -3.50
N GLN A 95 1.17 -16.93 -4.18
CA GLN A 95 1.21 -17.88 -5.35
C GLN A 95 1.51 -19.31 -4.95
N LEU A 96 1.01 -19.69 -3.77
CA LEU A 96 1.27 -21.01 -3.21
C LEU A 96 0.22 -22.01 -3.69
N ASP A 97 0.60 -23.27 -3.77
CA ASP A 97 -0.37 -24.36 -3.94
C ASP A 97 -0.63 -24.88 -2.51
N TYR A 98 -1.67 -24.40 -1.82
CA TYR A 98 -1.84 -24.65 -0.39
C TYR A 98 -3.20 -25.22 0.06
N GLY A 99 -3.27 -25.77 1.29
CA GLY A 99 -4.58 -26.05 1.92
C GLY A 99 -4.56 -25.69 3.41
N ILE A 100 -5.69 -25.36 3.99
CA ILE A 100 -5.72 -25.06 5.41
C ILE A 100 -6.26 -26.25 6.17
N TYR A 101 -5.62 -26.60 7.30
CA TYR A 101 -6.10 -27.67 8.16
C TYR A 101 -6.17 -27.18 9.59
N VAL A 102 -7.36 -27.21 10.17
CA VAL A 102 -7.58 -26.84 11.55
C VAL A 102 -7.79 -28.17 12.25
N ILE A 103 -6.94 -28.41 13.26
CA ILE A 103 -6.88 -29.68 13.92
C ILE A 103 -7.46 -29.39 15.28
N ASN A 104 -8.69 -29.88 15.44
CA ASN A 104 -9.56 -29.53 16.49
C ASN A 104 -9.45 -30.64 17.53
N GLN A 105 -8.98 -30.32 18.73
CA GLN A 105 -8.89 -31.31 19.79
C GLN A 105 -10.27 -31.66 20.33
N ALA A 106 -10.76 -32.90 20.16
CA ALA A 106 -11.97 -33.37 20.88
C ALA A 106 -11.85 -33.31 22.41
N GLY A 107 -13.01 -33.29 23.07
CA GLY A 107 -13.00 -33.36 24.54
C GLY A 107 -12.55 -32.08 25.23
N ASP A 108 -12.40 -32.15 26.54
CA ASP A 108 -12.19 -30.99 27.40
C ASP A 108 -11.07 -31.30 28.38
N THR A 109 -10.17 -32.21 27.97
CA THR A 109 -8.99 -32.47 28.75
C THR A 109 -7.82 -31.59 28.29
N ILE A 110 -6.70 -31.69 28.98
CA ILE A 110 -5.59 -30.76 28.82
C ILE A 110 -5.13 -30.71 27.37
N PHE A 111 -4.93 -29.48 26.90
CA PHE A 111 -4.51 -29.19 25.55
C PHE A 111 -3.11 -29.76 25.23
N ASN A 112 -2.98 -30.28 24.00
CA ASN A 112 -1.69 -30.79 23.52
C ASN A 112 -1.34 -30.21 22.14
N ARG A 113 -0.74 -29.01 22.12
CA ARG A 113 -0.41 -28.33 20.85
C ARG A 113 0.41 -29.15 19.83
N ALA A 114 1.59 -29.60 20.26
CA ALA A 114 2.45 -30.37 19.37
C ALA A 114 1.85 -31.70 18.87
N LYS A 115 1.06 -32.39 19.73
CA LYS A 115 0.45 -33.63 19.25
C LYS A 115 -0.55 -33.29 18.13
N LEU A 116 -1.27 -32.17 18.26
CA LEU A 116 -2.22 -31.78 17.17
C LEU A 116 -1.50 -31.54 15.84
N LEU A 117 -0.36 -30.85 15.95
CA LEU A 117 0.46 -30.52 14.79
C LEU A 117 0.90 -31.79 14.07
N ASN A 118 1.32 -32.80 14.82
CA ASN A 118 1.64 -34.09 14.25
C ASN A 118 0.47 -34.74 13.53
N VAL A 119 -0.69 -34.68 14.19
CA VAL A 119 -1.89 -35.24 13.55
C VAL A 119 -2.13 -34.50 12.24
N GLY A 120 -2.00 -33.17 12.29
CA GLY A 120 -2.10 -32.35 11.11
C GLY A 120 -1.21 -32.78 9.96
N PHE A 121 0.10 -32.96 10.21
CA PHE A 121 1.05 -33.41 9.20
C PHE A 121 0.61 -34.71 8.59
N GLN A 122 0.26 -35.65 9.46
CA GLN A 122 -0.02 -37.01 9.02
C GLN A 122 -1.35 -37.05 8.22
N GLU A 123 -2.35 -36.32 8.69
CA GLU A 123 -3.63 -36.32 8.04
C GLU A 123 -3.58 -35.59 6.70
N ALA A 124 -3.01 -34.38 6.67
CA ALA A 124 -2.91 -33.60 5.44
C ALA A 124 -2.29 -34.39 4.32
N LEU A 125 -1.26 -35.15 4.65
CA LEU A 125 -0.55 -35.96 3.66
C LEU A 125 -1.45 -36.93 2.89
N LYS A 126 -2.56 -37.28 3.51
CA LYS A 126 -3.55 -38.16 2.89
C LYS A 126 -4.37 -37.49 1.79
N ASP A 127 -4.50 -36.17 1.84
CA ASP A 127 -5.28 -35.42 0.84
C ASP A 127 -4.54 -35.22 -0.45
N TYR A 128 -3.23 -35.02 -0.34
CA TYR A 128 -2.41 -34.37 -1.38
C TYR A 128 -0.92 -34.53 -1.05
N ASP A 129 -0.11 -34.56 -2.09
CA ASP A 129 1.34 -34.60 -2.03
C ASP A 129 1.96 -33.31 -1.46
N TYR A 130 1.57 -32.84 -0.28
CA TYR A 130 2.28 -31.70 0.29
C TYR A 130 3.74 -32.04 0.57
N THR A 131 4.63 -31.12 0.25
CA THR A 131 6.08 -31.23 0.51
C THR A 131 6.55 -30.11 1.47
N CYS A 132 5.63 -29.29 1.96
CA CYS A 132 5.99 -28.20 2.91
C CYS A 132 4.87 -28.07 3.96
N PHE A 133 5.25 -27.81 5.21
CA PHE A 133 4.27 -27.65 6.29
C PHE A 133 4.43 -26.39 7.07
N VAL A 134 3.42 -25.53 7.02
CA VAL A 134 3.48 -24.34 7.83
C VAL A 134 2.72 -24.65 9.13
N PHE A 135 3.37 -24.50 10.26
CA PHE A 135 2.65 -24.67 11.52
C PHE A 135 2.34 -23.31 12.11
N SER A 136 1.06 -22.97 12.22
CA SER A 136 0.64 -21.63 12.62
C SER A 136 -0.37 -21.66 13.75
N ASP A 137 -0.03 -21.03 14.87
CA ASP A 137 -1.06 -20.73 15.88
C ASP A 137 -2.22 -19.91 15.32
N VAL A 138 -3.39 -20.03 15.95
CA VAL A 138 -4.58 -19.45 15.35
C VAL A 138 -4.61 -17.91 15.46
N ASP A 139 -3.87 -17.34 16.41
CA ASP A 139 -4.04 -15.94 16.76
C ASP A 139 -2.88 -15.08 16.29
N LEU A 140 -2.17 -15.48 15.22
CA LEU A 140 -1.03 -14.73 14.71
C LEU A 140 -1.21 -14.42 13.23
N ILE A 141 -1.09 -13.14 12.87
CA ILE A 141 -1.42 -12.67 11.54
C ILE A 141 -0.24 -11.85 11.12
N PRO A 142 0.32 -12.16 9.93
CA PRO A 142 1.53 -11.51 9.42
C PRO A 142 1.15 -10.11 8.96
N MET A 143 2.06 -9.15 9.04
CA MET A 143 1.74 -7.77 8.68
C MET A 143 2.36 -7.38 7.38
N ASN A 144 3.15 -8.28 6.81
CA ASN A 144 3.83 -7.94 5.59
C ASN A 144 3.84 -9.16 4.69
N ASP A 145 3.24 -9.03 3.51
CA ASP A 145 3.02 -10.22 2.73
C ASP A 145 4.29 -10.69 2.07
N HIS A 146 5.40 -10.00 2.36
CA HIS A 146 6.71 -10.49 1.92
C HIS A 146 7.24 -11.63 2.83
N ASN A 147 6.56 -11.83 3.96
CA ASN A 147 6.89 -12.92 4.88
C ASN A 147 6.33 -14.24 4.32
N ALA A 148 7.19 -15.06 3.71
CA ALA A 148 6.71 -16.15 2.83
C ALA A 148 6.29 -17.35 3.68
N TYR A 149 5.06 -17.82 3.44
CA TYR A 149 4.47 -18.93 4.20
C TYR A 149 4.73 -20.21 3.41
N ARG A 150 6.00 -20.50 3.18
CA ARG A 150 6.41 -21.71 2.49
C ARG A 150 7.78 -22.11 3.04
N CYS A 151 8.32 -23.20 2.54
CA CYS A 151 9.54 -23.78 3.10
C CYS A 151 10.88 -23.32 2.49
N PHE A 152 11.96 -23.44 3.25
CA PHE A 152 13.29 -23.08 2.76
C PHE A 152 14.23 -24.23 2.93
N SER A 153 15.48 -24.02 2.57
CA SER A 153 16.39 -25.12 2.59
C SER A 153 16.77 -25.46 4.07
N GLN A 154 16.37 -24.62 5.02
CA GLN A 154 16.52 -24.93 6.43
C GLN A 154 15.19 -24.61 7.09
N PRO A 155 14.89 -25.20 8.26
CA PRO A 155 13.60 -24.89 8.88
C PRO A 155 13.45 -23.39 8.99
N ARG A 156 12.19 -22.95 8.86
CA ARG A 156 11.86 -21.54 8.77
C ARG A 156 11.02 -21.04 9.92
N HIS A 157 11.50 -20.00 10.58
CA HIS A 157 10.72 -19.38 11.61
C HIS A 157 10.12 -18.11 11.07
N ILE A 158 8.81 -17.97 11.22
CA ILE A 158 8.08 -17.02 10.41
C ILE A 158 7.61 -15.83 11.23
N SER A 159 7.06 -16.11 12.39
CA SER A 159 6.56 -15.05 13.24
C SER A 159 7.73 -14.50 14.05
N VAL A 160 8.63 -13.76 13.40
CA VAL A 160 9.85 -13.31 14.06
C VAL A 160 9.76 -12.01 14.85
N ALA A 161 8.84 -11.12 14.50
CA ALA A 161 8.74 -9.84 15.22
C ALA A 161 7.30 -9.54 15.61
N MET A 162 6.88 -10.15 16.70
CA MET A 162 5.50 -10.10 17.10
C MET A 162 5.28 -8.88 17.99
N ASP A 163 4.11 -8.26 17.86
CA ASP A 163 3.82 -7.02 18.58
C ASP A 163 3.95 -7.29 20.07
N LYS A 164 3.42 -8.42 20.52
CA LYS A 164 3.44 -8.79 21.94
C LYS A 164 4.83 -9.00 22.55
N PHE A 165 5.84 -9.25 21.70
CA PHE A 165 7.22 -9.23 22.15
C PHE A 165 7.98 -7.95 21.74
N GLY A 166 7.26 -6.84 21.49
CA GLY A 166 7.91 -5.60 21.00
C GLY A 166 8.51 -5.62 19.60
N PHE A 167 7.90 -6.38 18.71
CA PHE A 167 8.44 -6.46 17.33
C PHE A 167 9.91 -6.89 17.26
N SER A 168 10.31 -7.83 18.11
CA SER A 168 11.52 -8.60 17.93
C SER A 168 11.37 -10.02 18.53
N LEU A 169 12.40 -10.82 18.34
CA LEU A 169 12.45 -12.16 18.91
C LEU A 169 12.46 -12.05 20.41
N PRO A 170 11.69 -12.87 21.14
CA PRO A 170 11.91 -12.75 22.62
C PRO A 170 13.20 -13.38 23.12
N TYR A 171 13.75 -14.33 22.38
CA TYR A 171 15.09 -14.88 22.63
C TYR A 171 15.54 -15.48 21.33
N VAL A 172 16.84 -15.67 21.13
CA VAL A 172 17.25 -15.94 19.76
C VAL A 172 16.95 -17.33 19.36
N GLN A 173 16.81 -18.20 20.36
CA GLN A 173 16.39 -19.56 20.04
C GLN A 173 14.85 -19.77 20.01
N TYR A 174 14.06 -18.71 20.05
CA TYR A 174 12.61 -18.85 20.01
C TYR A 174 12.17 -19.40 18.64
N PHE A 175 11.30 -20.43 18.66
CA PHE A 175 10.85 -21.02 17.45
C PHE A 175 9.31 -21.21 17.53
N GLY A 176 8.67 -20.44 18.40
CA GLY A 176 7.22 -20.49 18.51
C GLY A 176 6.43 -19.65 17.50
N GLY A 177 5.12 -19.86 17.49
CA GLY A 177 4.22 -18.96 16.84
C GLY A 177 3.87 -19.53 15.47
N VAL A 178 4.69 -19.21 14.47
CA VAL A 178 4.48 -19.71 13.12
C VAL A 178 5.79 -20.20 12.62
N SER A 179 5.81 -21.41 12.06
CA SER A 179 7.01 -21.85 11.41
C SER A 179 6.74 -22.71 10.17
N ALA A 180 7.80 -23.08 9.48
CA ALA A 180 7.60 -23.96 8.36
C ALA A 180 8.71 -24.96 8.25
N LEU A 181 8.36 -26.23 8.14
CA LEU A 181 9.35 -27.26 7.85
C LEU A 181 9.01 -27.97 6.55
N SER A 182 10.01 -28.33 5.76
CA SER A 182 9.73 -29.15 4.57
C SER A 182 9.30 -30.54 5.06
N LYS A 183 8.73 -31.33 4.14
CA LYS A 183 8.43 -32.68 4.49
C LYS A 183 9.66 -33.38 5.10
N GLN A 184 10.79 -33.26 4.41
CA GLN A 184 12.03 -33.90 4.88
C GLN A 184 12.58 -33.39 6.24
N GLN A 185 12.52 -32.10 6.48
CA GLN A 185 12.98 -31.59 7.74
C GLN A 185 12.10 -32.17 8.86
N PHE A 186 10.78 -32.14 8.66
CA PHE A 186 9.86 -32.71 9.67
C PHE A 186 10.17 -34.21 9.90
N LEU A 187 10.35 -34.96 8.82
CA LEU A 187 10.66 -36.36 9.01
C LEU A 187 12.01 -36.56 9.73
N THR A 188 12.97 -35.67 9.46
CA THR A 188 14.31 -35.89 9.94
C THR A 188 14.31 -35.78 11.51
N ILE A 189 13.43 -34.97 12.09
CA ILE A 189 13.40 -34.85 13.55
C ILE A 189 12.38 -35.79 14.22
N ASN A 190 11.87 -36.77 13.48
CA ASN A 190 10.78 -37.62 13.99
C ASN A 190 9.59 -36.76 14.38
N GLY A 191 9.41 -35.61 13.74
CA GLY A 191 8.18 -34.82 13.94
C GLY A 191 8.24 -34.14 15.31
N PHE A 192 7.09 -33.77 15.88
CA PHE A 192 7.13 -33.05 17.15
C PHE A 192 6.91 -34.00 18.33
N PRO A 193 7.24 -33.54 19.56
CA PRO A 193 7.02 -34.45 20.67
C PRO A 193 5.50 -34.57 20.92
N ASN A 194 5.04 -35.72 21.44
CA ASN A 194 3.61 -35.96 21.85
C ASN A 194 3.31 -35.71 23.36
N ASN A 195 4.35 -35.55 24.16
CA ASN A 195 4.09 -35.53 25.58
C ASN A 195 4.22 -34.20 26.28
N TYR A 196 4.15 -33.10 25.50
CA TYR A 196 4.01 -31.79 26.06
C TYR A 196 2.53 -31.43 26.21
N TRP A 197 2.02 -31.61 27.43
CA TRP A 197 0.60 -31.46 27.75
C TRP A 197 0.44 -30.17 28.51
N GLY A 198 -0.46 -29.30 28.05
CA GLY A 198 -0.56 -27.98 28.69
C GLY A 198 0.52 -27.02 28.17
N TRP A 199 0.53 -25.77 28.63
CA TRP A 199 1.25 -24.70 27.93
C TRP A 199 2.74 -24.76 28.17
N GLY A 200 3.53 -24.48 27.12
CA GLY A 200 4.93 -24.17 27.31
C GLY A 200 5.91 -25.22 26.84
N GLY A 201 6.93 -24.75 26.10
CA GLY A 201 8.17 -25.53 25.90
C GLY A 201 8.20 -26.51 24.74
N GLU A 202 7.05 -26.92 24.18
CA GLU A 202 7.10 -27.83 23.03
C GLU A 202 7.85 -27.19 21.88
N ASP A 203 7.81 -25.85 21.78
CA ASP A 203 8.49 -25.14 20.67
C ASP A 203 10.00 -25.10 20.92
N ASP A 204 10.38 -25.09 22.20
CA ASP A 204 11.81 -25.19 22.54
C ASP A 204 12.37 -26.56 22.28
N ASP A 205 11.57 -27.59 22.58
CA ASP A 205 11.95 -28.94 22.31
C ASP A 205 12.17 -29.14 20.82
N ILE A 206 11.30 -28.55 20.01
CA ILE A 206 11.39 -28.63 18.55
C ILE A 206 12.65 -27.91 18.05
N PHE A 207 12.97 -26.75 18.65
CA PHE A 207 14.23 -26.06 18.33
C PHE A 207 15.40 -27.04 18.51
N ASN A 208 15.51 -27.58 19.73
CA ASN A 208 16.48 -28.63 20.03
C ASN A 208 16.55 -29.74 18.97
N ARG A 209 15.37 -30.29 18.62
CA ARG A 209 15.35 -31.34 17.64
C ARG A 209 16.04 -30.90 16.38
N LEU A 210 15.75 -29.70 15.88
CA LEU A 210 16.41 -29.24 14.68
C LEU A 210 17.93 -29.10 14.88
N VAL A 211 18.31 -28.53 15.99
CA VAL A 211 19.70 -28.29 16.17
C VAL A 211 20.42 -29.67 16.25
N PHE A 212 19.77 -30.68 16.84
CA PHE A 212 20.44 -31.98 16.99
C PHE A 212 20.51 -32.75 15.74
N ARG A 213 19.84 -32.27 14.71
CA ARG A 213 19.92 -32.94 13.46
C ARG A 213 20.63 -32.10 12.42
N GLY A 214 21.44 -31.12 12.83
CA GLY A 214 22.39 -30.50 11.88
C GLY A 214 21.85 -29.28 11.17
N MET A 215 20.76 -28.73 11.72
CA MET A 215 20.02 -27.69 11.01
C MET A 215 20.11 -26.38 11.74
N SER A 216 19.75 -25.29 11.08
CA SER A 216 19.67 -24.02 11.80
C SER A 216 18.41 -23.31 11.35
N ILE A 217 18.09 -22.23 12.03
CA ILE A 217 16.86 -21.55 11.85
C ILE A 217 17.00 -20.46 10.81
N SER A 218 16.21 -20.56 9.74
CA SER A 218 16.09 -19.48 8.78
C SER A 218 14.95 -18.50 9.21
N ARG A 219 15.17 -17.22 8.96
CA ARG A 219 14.22 -16.19 9.33
C ARG A 219 14.17 -15.03 8.33
N PRO A 220 13.02 -14.39 8.15
CA PRO A 220 13.10 -13.08 7.45
C PRO A 220 13.60 -11.99 8.39
N ASN A 221 13.83 -10.77 7.87
CA ASN A 221 14.22 -9.67 8.74
C ASN A 221 13.05 -9.23 9.62
N ALA A 222 13.33 -8.45 10.65
CA ALA A 222 12.31 -8.05 11.64
C ALA A 222 11.21 -7.15 11.04
N VAL A 223 11.51 -6.54 9.90
CA VAL A 223 10.50 -5.67 9.36
C VAL A 223 9.52 -6.56 8.58
N VAL A 224 10.04 -7.41 7.71
CA VAL A 224 9.17 -8.29 6.95
C VAL A 224 8.42 -9.23 7.89
N GLY A 225 9.09 -9.67 8.98
CA GLY A 225 8.52 -10.71 9.87
C GLY A 225 7.60 -10.15 10.93
N THR A 226 7.24 -8.88 10.76
CA THR A 226 6.28 -8.24 11.64
C THR A 226 4.95 -8.98 11.72
N THR A 227 4.50 -9.27 12.95
CA THR A 227 3.35 -10.13 13.13
C THR A 227 2.42 -9.66 14.28
N ARG A 228 1.11 -9.74 14.06
CA ARG A 228 0.18 -9.35 15.11
C ARG A 228 -0.35 -10.55 15.86
N HIS A 229 -0.42 -10.42 17.17
CA HIS A 229 -1.05 -11.44 18.00
C HIS A 229 -2.40 -10.92 18.42
N ILE A 230 -3.48 -11.66 18.23
CA ILE A 230 -4.75 -11.27 18.83
C ILE A 230 -4.75 -11.42 20.34
N ARG A 231 -4.88 -10.31 21.08
CA ARG A 231 -4.89 -10.37 22.55
C ARG A 231 -6.09 -11.17 23.03
N HIS A 232 -5.88 -11.99 24.04
CA HIS A 232 -6.92 -12.86 24.55
C HIS A 232 -6.53 -13.24 25.97
N SER A 233 -7.52 -13.65 26.77
CA SER A 233 -7.25 -14.13 28.14
C SER A 233 -6.94 -15.61 28.09
N ARG A 234 -6.46 -16.17 29.21
CA ARG A 234 -6.13 -17.59 29.24
C ARG A 234 -7.25 -18.50 28.71
N ASP A 235 -6.85 -19.58 28.02
CA ASP A 235 -7.75 -20.69 27.78
C ASP A 235 -7.66 -21.57 29.01
N LYS A 236 -8.80 -22.09 29.48
CA LYS A 236 -8.81 -23.14 30.49
C LYS A 236 -8.29 -24.41 29.83
N LYS A 237 -7.73 -25.31 30.64
CA LYS A 237 -7.23 -26.62 30.21
C LYS A 237 -5.94 -26.50 29.42
N ASN A 238 -5.19 -25.44 29.69
CA ASN A 238 -3.87 -25.33 29.15
C ASN A 238 -2.92 -24.65 30.10
N GLU A 239 -2.96 -25.08 31.37
CA GLU A 239 -2.10 -24.53 32.41
C GLU A 239 -0.64 -24.84 32.06
N PRO A 240 0.27 -23.91 32.40
CA PRO A 240 1.69 -24.22 32.19
C PRO A 240 2.01 -25.64 32.66
N ASN A 241 2.71 -26.36 31.80
CA ASN A 241 3.17 -27.69 32.07
C ASN A 241 4.43 -27.62 32.96
N PRO A 242 4.33 -28.12 34.21
CA PRO A 242 5.46 -27.99 35.19
C PRO A 242 6.64 -28.92 34.88
N GLN A 243 6.42 -29.91 34.03
CA GLN A 243 7.46 -30.83 33.56
C GLN A 243 8.25 -30.34 32.33
N ARG A 244 7.86 -29.18 31.82
CA ARG A 244 8.38 -28.70 30.54
C ARG A 244 9.92 -28.50 30.56
N PHE A 245 10.43 -27.96 31.67
CA PHE A 245 11.86 -27.75 31.81
C PHE A 245 12.65 -29.04 31.84
N ASP A 246 12.16 -30.07 32.56
CA ASP A 246 12.86 -31.36 32.56
CA ASP A 246 12.85 -31.35 32.59
C ASP A 246 12.76 -31.99 31.19
N ARG A 247 11.61 -31.82 30.54
CA ARG A 247 11.43 -32.42 29.24
C ARG A 247 12.36 -31.86 28.21
N ILE A 248 12.58 -30.52 28.21
CA ILE A 248 13.38 -29.93 27.18
C ILE A 248 14.89 -30.29 27.35
N ALA A 249 15.30 -30.46 28.61
CA ALA A 249 16.64 -30.94 28.91
C ALA A 249 17.00 -32.34 28.37
N HIS A 250 16.02 -33.16 27.98
CA HIS A 250 16.33 -34.52 27.46
C HIS A 250 16.00 -34.74 25.99
N THR A 251 15.61 -33.68 25.31
CA THR A 251 15.13 -33.83 23.90
C THR A 251 15.98 -34.76 23.07
N LYS A 252 17.28 -34.68 23.23
CA LYS A 252 18.15 -35.43 22.33
C LYS A 252 17.89 -36.93 22.41
N GLU A 253 17.73 -37.43 23.63
CA GLU A 253 17.39 -38.83 23.80
C GLU A 253 15.90 -39.10 23.49
N THR A 254 15.00 -38.27 23.97
CA THR A 254 13.59 -38.66 23.82
C THR A 254 13.06 -38.55 22.37
N MET A 255 13.70 -37.74 21.52
CA MET A 255 13.16 -37.52 20.17
C MET A 255 13.34 -38.74 19.34
N LEU A 256 14.32 -39.55 19.72
CA LEU A 256 14.56 -40.82 19.05
C LEU A 256 13.29 -41.72 19.09
N SER A 257 12.46 -41.62 20.10
CA SER A 257 11.36 -42.59 20.15
C SER A 257 10.04 -41.95 20.54
N ASP A 258 10.00 -40.62 20.55
CA ASP A 258 8.80 -39.89 20.86
C ASP A 258 8.45 -38.83 19.78
N GLY A 259 7.37 -39.06 19.02
CA GLY A 259 6.98 -38.23 17.85
C GLY A 259 6.25 -39.05 16.83
N LEU A 260 6.56 -38.88 15.55
CA LEU A 260 5.84 -39.61 14.49
C LEU A 260 5.85 -41.10 14.72
N ASN A 261 7.03 -41.61 15.06
CA ASN A 261 7.17 -43.02 15.27
C ASN A 261 6.57 -43.55 16.59
N SER A 262 5.89 -42.72 17.39
CA SER A 262 5.19 -43.20 18.56
C SER A 262 3.77 -42.62 18.67
N LEU A 263 3.22 -42.18 17.55
CA LEU A 263 1.96 -41.45 17.56
C LEU A 263 0.74 -42.36 17.24
N THR A 264 -0.34 -42.18 18.00
CA THR A 264 -1.68 -42.65 17.59
C THR A 264 -2.69 -41.61 18.01
N TYR A 265 -3.83 -41.62 17.31
CA TYR A 265 -4.94 -40.71 17.57
C TYR A 265 -6.13 -41.35 16.89
N GLN A 266 -7.34 -40.87 17.19
CA GLN A 266 -8.52 -41.30 16.48
CA GLN A 266 -8.56 -41.32 16.54
C GLN A 266 -9.25 -40.08 15.94
N VAL A 267 -9.35 -40.02 14.61
CA VAL A 267 -10.04 -38.92 13.97
C VAL A 267 -11.52 -39.18 14.20
N LEU A 268 -12.22 -38.19 14.76
CA LEU A 268 -13.68 -38.31 15.02
C LEU A 268 -14.52 -37.74 13.89
N ASP A 269 -13.98 -36.73 13.21
CA ASP A 269 -14.75 -36.04 12.20
C ASP A 269 -13.86 -35.18 11.31
N VAL A 270 -14.16 -35.20 10.02
CA VAL A 270 -13.52 -34.37 9.03
C VAL A 270 -14.61 -33.54 8.33
N GLN A 271 -14.58 -32.22 8.50
CA GLN A 271 -15.54 -31.30 7.86
C GLN A 271 -14.83 -30.43 6.84
N ARG A 272 -15.19 -30.53 5.55
CA ARG A 272 -14.73 -29.57 4.56
C ARG A 272 -15.61 -28.32 4.57
N TYR A 273 -15.11 -27.22 5.07
CA TYR A 273 -15.77 -25.96 4.90
C TYR A 273 -15.19 -25.23 3.67
N PRO A 274 -15.82 -24.13 3.26
CA PRO A 274 -15.30 -23.62 1.96
C PRO A 274 -13.85 -23.10 2.09
N LEU A 275 -13.52 -22.60 3.28
CA LEU A 275 -12.23 -21.95 3.50
C LEU A 275 -11.23 -22.76 4.39
N TYR A 276 -11.63 -23.92 4.89
CA TYR A 276 -10.71 -24.80 5.66
C TYR A 276 -11.31 -26.14 5.89
N THR A 277 -10.44 -27.15 5.95
CA THR A 277 -10.77 -28.49 6.43
C THR A 277 -10.52 -28.53 7.93
N GLN A 278 -11.52 -28.96 8.69
CA GLN A 278 -11.40 -29.14 10.13
C GLN A 278 -11.47 -30.64 10.48
N ILE A 279 -10.40 -31.10 11.11
CA ILE A 279 -10.22 -32.46 11.49
C ILE A 279 -10.36 -32.44 13.01
N THR A 280 -11.41 -33.10 13.50
CA THR A 280 -11.65 -33.20 14.92
C THR A 280 -11.07 -34.52 15.36
N VAL A 281 -10.32 -34.49 16.43
CA VAL A 281 -9.50 -35.65 16.71
C VAL A 281 -9.42 -35.89 18.21
N ASP A 282 -9.47 -37.19 18.55
CA ASP A 282 -9.20 -37.67 19.90
C ASP A 282 -7.72 -38.01 20.02
N ILE A 283 -7.01 -37.14 20.73
CA ILE A 283 -5.55 -37.31 21.01
C ILE A 283 -5.26 -37.77 22.45
N GLY A 284 -6.30 -37.94 23.25
CA GLY A 284 -6.15 -38.73 24.45
C GLY A 284 -5.75 -37.88 25.61
N THR A 285 -5.25 -38.53 26.66
CA THR A 285 -4.73 -37.86 27.86
C THR A 285 -3.34 -38.43 28.18
N PRO A 286 -2.59 -37.79 29.11
CA PRO A 286 -1.20 -38.28 29.30
C PRO A 286 -1.12 -39.75 29.70
N SER A 287 -0.07 -40.42 29.25
CA SER A 287 0.12 -41.81 29.60
C SER A 287 1.43 -41.98 30.36
N SER B 15 10.99 -3.85 32.09
CA SER B 15 9.56 -4.06 31.67
C SER B 15 9.48 -3.99 30.13
N LEU B 16 8.79 -2.97 29.56
CA LEU B 16 8.65 -2.84 28.09
C LEU B 16 9.94 -2.53 27.37
N PRO B 17 10.18 -3.20 26.24
CA PRO B 17 11.36 -2.87 25.42
C PRO B 17 11.24 -1.50 24.70
N ALA B 18 12.38 -0.91 24.36
CA ALA B 18 12.41 0.21 23.43
C ALA B 18 11.86 -0.21 22.05
N CYS B 19 11.11 0.68 21.41
CA CYS B 19 10.58 0.45 20.09
C CYS B 19 11.79 0.33 19.15
N PRO B 20 11.62 -0.28 17.98
CA PRO B 20 12.75 -0.27 17.05
C PRO B 20 13.04 1.18 16.63
N GLU B 21 14.26 1.47 16.19
CA GLU B 21 14.66 2.84 15.84
C GLU B 21 13.75 3.43 14.78
N GLU B 22 13.52 2.68 13.71
CA GLU B 22 12.51 3.07 12.76
C GLU B 22 11.33 2.12 12.91
N SER B 23 10.13 2.65 12.79
CA SER B 23 8.95 1.87 12.98
C SER B 23 8.87 0.83 11.90
N PRO B 24 8.54 -0.42 12.26
CA PRO B 24 8.32 -1.47 11.28
C PRO B 24 6.94 -1.48 10.65
N LEU B 25 6.06 -0.56 11.07
CA LEU B 25 4.67 -0.58 10.65
C LEU B 25 4.33 0.26 9.40
N LEU B 26 5.26 1.09 8.97
CA LEU B 26 5.09 2.14 7.94
C LEU B 26 4.75 1.61 6.55
N VAL B 27 3.84 2.28 5.85
CA VAL B 27 3.40 1.88 4.52
C VAL B 27 3.95 2.76 3.39
N GLY B 28 4.64 3.83 3.74
CA GLY B 28 5.20 4.77 2.78
C GLY B 28 4.07 5.60 2.18
N PRO B 29 3.96 5.64 0.84
CA PRO B 29 3.04 6.62 0.20
C PRO B 29 1.58 6.32 0.40
N MET B 30 0.76 7.33 0.66
CA MET B 30 -0.68 7.12 0.89
C MET B 30 -1.55 7.98 -0.01
N LEU B 31 -2.82 7.62 -0.05
CA LEU B 31 -3.76 8.29 -0.93
C LEU B 31 -4.47 9.36 -0.10
N ILE B 32 -4.40 10.63 -0.52
CA ILE B 32 -4.96 11.73 0.31
C ILE B 32 -6.03 12.50 -0.45
N GLU B 33 -7.26 12.59 0.09
CA GLU B 33 -8.37 13.32 -0.55
CA GLU B 33 -8.35 13.35 -0.56
C GLU B 33 -9.15 14.22 0.43
N PHE B 34 -9.60 15.39 -0.05
CA PHE B 34 -10.35 16.36 0.77
C PHE B 34 -11.78 16.70 0.23
N ASN B 35 -12.41 15.74 -0.43
CA ASN B 35 -13.73 15.96 -1.02
C ASN B 35 -14.86 15.16 -0.33
N MET B 36 -14.55 14.48 0.77
CA MET B 36 -15.50 13.67 1.55
CA MET B 36 -15.62 13.78 1.49
C MET B 36 -15.86 14.42 2.83
N PRO B 37 -17.06 14.21 3.39
CA PRO B 37 -17.23 14.76 4.76
C PRO B 37 -16.54 13.84 5.76
N VAL B 38 -16.20 14.35 6.95
CA VAL B 38 -15.50 13.56 7.98
C VAL B 38 -16.38 13.59 9.21
N ASP B 39 -16.53 12.46 9.87
CA ASP B 39 -17.29 12.41 11.08
C ASP B 39 -16.30 12.07 12.20
N LEU B 40 -15.97 13.03 13.03
CA LEU B 40 -15.01 12.77 14.09
C LEU B 40 -15.36 11.65 15.05
N GLU B 41 -16.64 11.28 15.13
CA GLU B 41 -17.07 10.11 15.93
C GLU B 41 -16.62 8.79 15.28
N LEU B 42 -16.71 8.74 13.97
CA LEU B 42 -16.17 7.64 13.21
C LEU B 42 -14.63 7.60 13.30
N VAL B 43 -14.00 8.77 13.17
CA VAL B 43 -12.55 8.82 13.27
C VAL B 43 -12.15 8.27 14.64
N ALA B 44 -12.83 8.64 15.72
CA ALA B 44 -12.41 8.14 17.02
C ALA B 44 -12.60 6.61 17.05
N LYS B 45 -13.67 6.12 16.42
CA LYS B 45 -13.89 4.66 16.44
C LYS B 45 -12.86 3.95 15.58
N GLN B 46 -12.34 4.63 14.59
CA GLN B 46 -11.33 4.00 13.72
C GLN B 46 -9.94 4.07 14.38
N ASN B 47 -9.84 4.87 15.43
CA ASN B 47 -8.61 5.01 16.19
C ASN B 47 -8.88 4.76 17.67
N PRO B 48 -9.17 3.49 18.04
CA PRO B 48 -9.65 3.25 19.41
C PRO B 48 -8.58 3.46 20.46
N ASN B 49 -7.31 3.30 20.07
CA ASN B 49 -6.24 3.35 21.06
C ASN B 49 -5.85 4.79 21.45
N VAL B 50 -6.38 5.78 20.74
CA VAL B 50 -6.10 7.16 21.09
C VAL B 50 -7.00 7.59 22.23
N LYS B 51 -6.41 8.13 23.28
CA LYS B 51 -7.10 8.43 24.49
C LYS B 51 -7.50 9.89 24.58
N MET B 52 -8.32 10.20 25.59
CA MET B 52 -8.94 11.51 25.78
C MET B 52 -7.89 12.59 25.72
N GLY B 53 -8.17 13.63 24.94
CA GLY B 53 -7.17 14.67 24.76
C GLY B 53 -6.33 14.49 23.52
N GLY B 54 -6.55 13.41 22.77
CA GLY B 54 -5.73 13.08 21.60
C GLY B 54 -4.33 12.59 21.98
N ARG B 55 -4.26 11.68 22.95
CA ARG B 55 -3.02 11.24 23.51
C ARG B 55 -2.84 9.80 23.14
N TYR B 56 -1.60 9.45 22.78
CA TYR B 56 -1.36 8.07 22.39
C TYR B 56 0.10 7.67 22.64
N ALA B 57 0.33 6.42 23.03
CA ALA B 57 1.69 5.89 23.09
C ALA B 57 1.60 4.39 22.84
N PRO B 58 2.58 3.82 22.14
CA PRO B 58 2.55 2.39 21.86
C PRO B 58 2.31 1.51 23.11
N ARG B 59 1.53 0.44 22.93
CA ARG B 59 1.18 -0.46 24.02
C ARG B 59 2.33 -1.48 24.28
N ASP B 60 3.09 -1.81 23.23
CA ASP B 60 4.05 -2.89 23.26
C ASP B 60 5.50 -2.50 23.42
N CYS B 61 5.84 -1.22 23.32
CA CYS B 61 7.25 -0.85 23.36
C CYS B 61 7.36 0.59 23.75
N VAL B 62 8.54 1.03 24.09
CA VAL B 62 8.65 2.40 24.57
C VAL B 62 9.21 3.27 23.47
N SER B 63 8.53 4.38 23.17
CA SER B 63 9.07 5.37 22.24
C SER B 63 10.01 6.39 22.86
N PRO B 64 11.17 6.64 22.20
CA PRO B 64 11.97 7.78 22.72
C PRO B 64 11.42 9.14 22.26
N HIS B 65 10.41 9.14 21.40
CA HIS B 65 9.81 10.39 20.94
C HIS B 65 8.59 10.79 21.75
N LYS B 66 8.76 11.83 22.52
CA LYS B 66 7.69 12.38 23.35
C LYS B 66 7.32 13.71 22.77
N VAL B 67 6.23 13.69 22.01
CA VAL B 67 5.99 14.71 21.03
C VAL B 67 4.69 15.42 21.29
N ALA B 68 4.72 16.73 21.31
CA ALA B 68 3.48 17.49 21.37
C ALA B 68 3.31 18.07 20.01
N ILE B 69 2.17 17.83 19.37
CA ILE B 69 1.89 18.41 18.07
C ILE B 69 0.94 19.59 18.21
N ILE B 70 1.40 20.75 17.75
CA ILE B 70 0.77 22.03 18.07
C ILE B 70 0.23 22.69 16.81
N ILE B 71 -1.05 23.08 16.82
CA ILE B 71 -1.69 23.53 15.60
C ILE B 71 -2.29 24.88 15.91
N PRO B 72 -1.85 25.93 15.22
CA PRO B 72 -2.41 27.22 15.55
C PRO B 72 -3.72 27.29 14.86
N PHE B 73 -4.69 27.98 15.46
CA PHE B 73 -6.07 27.79 14.95
C PHE B 73 -7.04 28.90 15.21
N ARG B 74 -7.86 29.16 14.18
CA ARG B 74 -9.11 29.90 14.32
C ARG B 74 -9.96 29.65 13.13
N ASN B 75 -11.18 29.25 13.44
CA ASN B 75 -12.22 29.01 12.48
C ASN B 75 -11.81 28.10 11.29
N ARG B 76 -11.23 26.94 11.59
CA ARG B 76 -10.82 26.00 10.54
C ARG B 76 -11.27 24.58 10.92
N GLN B 77 -12.45 24.51 11.53
CA GLN B 77 -13.00 23.24 11.98
C GLN B 77 -12.92 22.17 10.87
N GLU B 78 -13.29 22.53 9.66
CA GLU B 78 -13.46 21.50 8.61
C GLU B 78 -12.09 20.94 8.27
N HIS B 79 -11.11 21.83 8.16
CA HIS B 79 -9.74 21.40 7.99
C HIS B 79 -9.21 20.49 9.07
N LEU B 80 -9.47 20.85 10.32
CA LEU B 80 -8.94 20.12 11.43
C LEU B 80 -9.51 18.71 11.33
N LYS B 81 -10.75 18.58 10.84
CA LYS B 81 -11.33 17.21 10.80
C LYS B 81 -10.55 16.36 9.82
N TYR B 82 -10.12 16.97 8.72
CA TYR B 82 -9.32 16.20 7.77
C TYR B 82 -7.97 15.91 8.42
N TRP B 83 -7.41 16.93 9.06
CA TRP B 83 -6.10 16.77 9.74
C TRP B 83 -6.13 15.54 10.70
N LEU B 84 -7.15 15.46 11.54
CA LEU B 84 -7.14 14.42 12.58
C LEU B 84 -7.34 13.02 11.95
N TYR B 85 -8.24 12.98 10.98
CA TYR B 85 -8.49 11.80 10.14
C TYR B 85 -7.24 11.21 9.48
N TYR B 86 -6.43 12.07 8.88
CA TYR B 86 -5.22 11.63 8.31
C TYR B 86 -4.07 11.40 9.29
N LEU B 87 -3.81 12.34 10.20
CA LEU B 87 -2.60 12.25 11.02
C LEU B 87 -2.67 11.19 12.12
N HIS B 88 -3.82 10.96 12.73
CA HIS B 88 -3.84 9.97 13.77
C HIS B 88 -3.34 8.60 13.38
N PRO B 89 -3.81 8.03 12.23
CA PRO B 89 -3.25 6.69 11.91
C PRO B 89 -1.77 6.72 11.66
N VAL B 90 -1.31 7.81 11.07
CA VAL B 90 0.10 7.97 10.74
C VAL B 90 0.93 8.12 12.03
N LEU B 91 0.48 8.95 12.95
CA LEU B 91 1.33 9.23 14.13
C LEU B 91 1.43 7.94 14.92
N GLN B 92 0.37 7.15 14.94
CA GLN B 92 0.43 5.79 15.52
C GLN B 92 1.34 4.79 14.80
N ARG B 93 1.23 4.70 13.47
CA ARG B 93 2.20 3.86 12.73
C ARG B 93 3.64 4.28 12.99
N GLN B 94 3.87 5.57 13.23
CA GLN B 94 5.26 6.00 13.51
C GLN B 94 5.72 5.70 14.94
N GLN B 95 4.85 5.08 15.74
CA GLN B 95 5.24 4.66 17.11
C GLN B 95 5.69 5.76 18.06
N LEU B 96 4.97 6.89 18.01
CA LEU B 96 5.26 8.06 18.84
C LEU B 96 4.40 8.07 20.10
N ASP B 97 4.95 8.66 21.14
CA ASP B 97 4.25 8.97 22.36
C ASP B 97 3.90 10.46 22.20
N TYR B 98 2.66 10.76 21.86
CA TYR B 98 2.32 12.08 21.35
C TYR B 98 0.99 12.58 21.89
N GLY B 99 0.80 13.89 21.76
CA GLY B 99 -0.50 14.50 21.99
C GLY B 99 -0.75 15.63 21.05
N ILE B 100 -2.03 15.89 20.77
CA ILE B 100 -2.40 16.87 19.82
C ILE B 100 -2.97 18.06 20.55
N TYR B 101 -2.49 19.26 20.21
CA TYR B 101 -2.94 20.50 20.85
C TYR B 101 -3.36 21.52 19.82
N VAL B 102 -4.65 21.86 19.81
CA VAL B 102 -5.16 22.96 19.00
C VAL B 102 -5.19 24.22 19.84
N ILE B 103 -4.44 25.23 19.40
CA ILE B 103 -4.33 26.49 20.10
C ILE B 103 -5.19 27.41 19.31
N ASN B 104 -6.37 27.66 19.84
CA ASN B 104 -7.46 28.37 19.18
C ASN B 104 -7.41 29.81 19.61
N GLN B 105 -7.22 30.69 18.63
CA GLN B 105 -7.19 32.11 18.95
C GLN B 105 -8.56 32.67 19.28
N ALA B 106 -8.70 33.20 20.49
CA ALA B 106 -10.00 33.78 20.91
C ALA B 106 -10.16 35.12 20.24
N GLY B 107 -11.41 35.51 19.96
CA GLY B 107 -11.66 36.84 19.49
C GLY B 107 -11.66 37.05 18.00
N ASP B 108 -11.82 38.32 17.58
CA ASP B 108 -11.99 38.65 16.16
C ASP B 108 -10.94 39.65 15.52
N THR B 109 -9.83 39.81 16.23
CA THR B 109 -8.79 40.69 15.77
C THR B 109 -7.70 39.87 15.04
N ILE B 110 -6.66 40.55 14.57
CA ILE B 110 -5.74 39.97 13.60
C ILE B 110 -5.09 38.69 14.16
N PHE B 111 -4.95 37.70 13.30
CA PHE B 111 -4.28 36.43 13.59
C PHE B 111 -2.81 36.60 13.88
N ASN B 112 -2.32 35.77 14.79
CA ASN B 112 -0.89 35.76 15.13
C ASN B 112 -0.43 34.33 15.27
N ARG B 113 -0.13 33.72 14.14
CA ARG B 113 0.29 32.35 14.10
C ARG B 113 1.43 31.96 14.99
N ALA B 114 2.56 32.68 15.01
CA ALA B 114 3.72 32.30 15.85
C ALA B 114 3.44 32.48 17.37
N LYS B 115 2.68 33.48 17.77
CA LYS B 115 2.36 33.57 19.23
C LYS B 115 1.53 32.35 19.67
N LEU B 116 0.62 31.88 18.82
CA LEU B 116 -0.20 30.71 19.15
C LEU B 116 0.72 29.49 19.34
N LEU B 117 1.68 29.31 18.43
CA LEU B 117 2.66 28.21 18.56
C LEU B 117 3.41 28.29 19.90
N ASN B 118 3.84 29.47 20.31
CA ASN B 118 4.50 29.67 21.65
C ASN B 118 3.57 29.24 22.78
N VAL B 119 2.32 29.65 22.68
CA VAL B 119 1.34 29.21 23.66
C VAL B 119 1.32 27.69 23.74
N GLY B 120 1.20 27.05 22.58
CA GLY B 120 1.20 25.60 22.51
C GLY B 120 2.36 25.03 23.24
N PHE B 121 3.57 25.55 22.99
CA PHE B 121 4.76 25.00 23.60
C PHE B 121 4.58 25.07 25.14
N GLN B 122 4.29 26.27 25.64
CA GLN B 122 4.27 26.49 27.10
C GLN B 122 3.11 25.74 27.78
N GLU B 123 1.94 25.73 27.17
CA GLU B 123 0.82 24.92 27.66
C GLU B 123 0.94 23.38 27.60
N ALA B 124 1.35 22.80 26.47
CA ALA B 124 1.52 21.34 26.42
C ALA B 124 2.48 20.85 27.48
N LEU B 125 3.53 21.60 27.74
CA LEU B 125 4.46 21.20 28.79
C LEU B 125 3.82 21.02 30.20
N LYS B 126 2.69 21.67 30.48
CA LYS B 126 1.93 21.46 31.77
C LYS B 126 1.27 20.08 31.89
N ASP B 127 1.10 19.40 30.76
CA ASP B 127 0.42 18.12 30.73
C ASP B 127 1.40 16.95 30.91
N TYR B 128 2.63 17.09 30.41
CA TYR B 128 3.49 15.93 30.23
C TYR B 128 4.87 16.41 29.85
N ASP B 129 5.87 15.59 30.08
CA ASP B 129 7.24 16.07 29.83
CA ASP B 129 7.28 15.95 29.84
C ASP B 129 7.62 15.77 28.36
N TYR B 130 6.93 16.47 27.45
CA TYR B 130 7.29 16.43 26.04
C TYR B 130 8.72 16.91 25.85
N THR B 131 9.51 16.18 25.07
CA THR B 131 10.82 16.70 24.68
C THR B 131 10.91 17.10 23.20
N CYS B 132 9.80 17.05 22.45
CA CYS B 132 9.84 17.33 21.00
C CYS B 132 8.54 17.99 20.60
N PHE B 133 8.64 19.05 19.82
CA PHE B 133 7.46 19.83 19.41
C PHE B 133 7.32 19.92 17.91
N VAL B 134 6.19 19.43 17.40
CA VAL B 134 5.89 19.55 15.99
C VAL B 134 4.93 20.75 15.83
N PHE B 135 5.29 21.75 15.03
CA PHE B 135 4.37 22.83 14.79
C PHE B 135 3.76 22.59 13.39
N SER B 136 2.46 22.30 13.31
CA SER B 136 1.85 21.99 12.01
C SER B 136 0.68 22.91 11.70
N ASP B 137 0.73 23.60 10.57
CA ASP B 137 -0.51 24.20 10.10
C ASP B 137 -1.63 23.16 9.98
N VAL B 138 -2.85 23.61 10.04
CA VAL B 138 -4.00 22.72 10.12
C VAL B 138 -4.38 22.16 8.74
N ASP B 139 -3.83 22.72 7.68
CA ASP B 139 -4.26 22.39 6.34
C ASP B 139 -3.18 21.65 5.55
N LEU B 140 -2.22 21.09 6.29
CA LEU B 140 -1.17 20.30 5.69
C LEU B 140 -1.18 18.86 6.18
N ILE B 141 -1.24 17.96 5.20
CA ILE B 141 -1.32 16.55 5.43
C ILE B 141 -0.17 15.86 4.67
N PRO B 142 0.68 15.09 5.38
CA PRO B 142 1.79 14.38 4.67
C PRO B 142 1.30 13.25 3.76
N MET B 143 1.98 13.03 2.64
CA MET B 143 1.56 11.96 1.74
C MET B 143 2.28 10.67 1.96
N ASN B 144 3.34 10.69 2.76
CA ASN B 144 4.14 9.50 2.94
C ASN B 144 4.56 9.39 4.43
N ASP B 145 4.20 8.28 5.09
CA ASP B 145 4.45 8.11 6.53
C ASP B 145 5.90 7.81 6.90
N HIS B 146 6.81 7.64 5.93
CA HIS B 146 8.24 7.70 6.26
C HIS B 146 8.69 9.12 6.63
N ASN B 147 7.77 10.09 6.47
CA ASN B 147 8.07 11.48 6.88
C ASN B 147 7.87 11.70 8.41
N ALA B 148 8.94 11.67 9.19
CA ALA B 148 8.78 11.40 10.63
C ALA B 148 8.34 12.67 11.36
N TYR B 149 7.21 12.62 12.05
CA TYR B 149 6.72 13.78 12.79
C TYR B 149 7.37 13.75 14.19
N ARG B 150 8.69 13.83 14.22
CA ARG B 150 9.43 13.95 15.47
C ARG B 150 10.74 14.70 15.16
N CYS B 151 11.61 14.80 16.17
CA CYS B 151 12.71 15.71 16.21
C CYS B 151 13.99 15.02 15.85
N PHE B 152 14.97 15.82 15.43
CA PHE B 152 16.26 15.35 14.96
C PHE B 152 17.38 16.11 15.66
N SER B 153 18.63 15.83 15.30
CA SER B 153 19.71 16.44 16.07
C SER B 153 19.83 17.92 15.65
N GLN B 154 19.28 18.24 14.49
CA GLN B 154 19.11 19.63 14.04
C GLN B 154 17.60 19.93 13.89
N PRO B 155 17.21 21.20 13.90
CA PRO B 155 15.79 21.51 13.68
C PRO B 155 15.30 20.87 12.39
N ARG B 156 14.04 20.38 12.35
CA ARG B 156 13.53 19.57 11.26
C ARG B 156 12.43 20.31 10.52
N HIS B 157 12.56 20.39 9.19
CA HIS B 157 11.56 20.97 8.35
C HIS B 157 10.84 19.83 7.63
N ILE B 158 9.51 19.70 7.85
CA ILE B 158 8.83 18.40 7.54
C ILE B 158 8.08 18.56 6.25
N SER B 159 7.39 19.70 6.06
CA SER B 159 6.53 19.84 4.90
C SER B 159 7.37 20.34 3.72
N VAL B 160 8.27 19.50 3.22
CA VAL B 160 9.30 19.98 2.33
C VAL B 160 8.85 20.04 0.87
N ALA B 161 7.82 19.28 0.48
CA ALA B 161 7.40 19.26 -0.95
C ALA B 161 5.90 19.33 -1.05
N MET B 162 5.33 20.52 -0.89
CA MET B 162 3.92 20.73 -0.89
C MET B 162 3.34 20.83 -2.32
N ASP B 163 2.20 20.19 -2.54
CA ASP B 163 1.59 20.26 -3.85
C ASP B 163 1.51 21.71 -4.28
N LYS B 164 1.29 22.64 -3.33
CA LYS B 164 0.94 24.00 -3.76
C LYS B 164 2.17 24.75 -4.18
N PHE B 165 3.33 24.13 -3.94
CA PHE B 165 4.61 24.66 -4.37
C PHE B 165 5.26 23.79 -5.46
N GLY B 166 4.46 23.00 -6.17
CA GLY B 166 5.01 22.20 -7.29
C GLY B 166 5.78 21.03 -6.75
N PHE B 167 5.38 20.55 -5.56
CA PHE B 167 6.08 19.43 -4.94
C PHE B 167 7.59 19.66 -4.73
N SER B 168 8.02 20.92 -4.61
CA SER B 168 9.36 21.18 -4.07
C SER B 168 9.32 22.29 -3.08
N LEU B 169 10.48 22.62 -2.52
CA LEU B 169 10.66 23.79 -1.69
C LEU B 169 10.49 25.06 -2.51
N PRO B 170 9.62 25.99 -2.05
CA PRO B 170 9.54 27.28 -2.74
C PRO B 170 10.83 28.10 -2.67
N TYR B 171 11.66 27.91 -1.64
CA TYR B 171 12.99 28.52 -1.59
C TYR B 171 13.75 27.77 -0.54
N VAL B 172 15.09 27.79 -0.59
CA VAL B 172 15.86 26.87 0.21
C VAL B 172 15.88 27.24 1.70
N GLN B 173 15.50 28.47 2.06
CA GLN B 173 15.40 28.85 3.51
C GLN B 173 13.95 28.83 4.04
N TYR B 174 13.06 28.37 3.19
CA TYR B 174 11.67 28.16 3.58
C TYR B 174 11.57 27.29 4.82
N PHE B 175 10.95 27.80 5.89
CA PHE B 175 10.81 26.98 7.07
C PHE B 175 9.32 26.91 7.44
N GLY B 176 8.41 27.18 6.52
CA GLY B 176 6.98 27.26 6.89
C GLY B 176 6.27 25.91 6.95
N GLY B 177 5.02 25.87 7.41
CA GLY B 177 4.18 24.69 7.17
C GLY B 177 4.22 23.71 8.31
N VAL B 178 5.12 22.74 8.26
CA VAL B 178 5.24 21.79 9.35
C VAL B 178 6.68 21.68 9.71
N SER B 179 6.97 21.77 11.01
CA SER B 179 8.34 21.65 11.45
C SER B 179 8.43 21.06 12.88
N ALA B 180 9.57 20.50 13.25
CA ALA B 180 9.74 19.95 14.57
C ALA B 180 11.02 20.51 15.19
N LEU B 181 10.93 20.98 16.43
CA LEU B 181 12.10 21.36 17.19
C LEU B 181 12.08 20.59 18.50
N SER B 182 13.23 20.04 18.89
CA SER B 182 13.40 19.50 20.22
C SER B 182 13.17 20.62 21.21
N LYS B 183 12.84 20.23 22.44
CA LYS B 183 12.75 21.22 23.56
C LYS B 183 13.94 22.15 23.62
N GLN B 184 15.14 21.60 23.57
CA GLN B 184 16.33 22.44 23.67
C GLN B 184 16.49 23.43 22.54
N GLN B 185 16.30 22.93 21.29
CA GLN B 185 16.33 23.77 20.11
C GLN B 185 15.39 24.95 20.27
N PHE B 186 14.13 24.72 20.71
CA PHE B 186 13.15 25.81 20.90
C PHE B 186 13.65 26.79 21.97
N LEU B 187 14.16 26.28 23.08
CA LEU B 187 14.61 27.17 24.16
C LEU B 187 15.84 27.98 23.71
N THR B 188 16.72 27.34 22.93
CA THR B 188 17.93 28.02 22.47
C THR B 188 17.56 29.25 21.69
N ILE B 189 16.47 29.23 20.95
CA ILE B 189 16.14 30.41 20.19
C ILE B 189 15.23 31.34 20.92
N ASN B 190 15.06 31.11 22.24
CA ASN B 190 14.04 31.85 22.98
C ASN B 190 12.67 31.74 22.26
N GLY B 191 12.37 30.56 21.73
CA GLY B 191 11.01 30.31 21.18
C GLY B 191 10.79 31.14 19.93
N PHE B 192 9.54 31.43 19.59
CA PHE B 192 9.28 32.18 18.38
C PHE B 192 8.91 33.63 18.68
N PRO B 193 8.93 34.49 17.64
CA PRO B 193 8.52 35.87 17.94
C PRO B 193 6.99 36.00 18.19
N ASN B 194 6.62 36.99 19.02
CA ASN B 194 5.23 37.29 19.45
C ASN B 194 4.61 38.45 18.70
N ASN B 195 5.42 39.19 17.98
CA ASN B 195 4.88 40.39 17.37
C ASN B 195 4.79 40.34 15.87
N TYR B 196 4.59 39.16 15.31
CA TYR B 196 4.24 39.17 13.87
C TYR B 196 2.75 39.06 13.68
N TRP B 197 2.05 40.14 13.32
CA TRP B 197 0.58 40.07 13.27
C TRP B 197 0.15 40.04 11.84
N GLY B 198 -0.81 39.18 11.53
CA GLY B 198 -1.17 38.98 10.12
C GLY B 198 -0.23 38.01 9.42
N TRP B 199 -0.42 37.86 8.11
CA TRP B 199 0.23 36.79 7.35
C TRP B 199 1.63 37.19 6.88
N GLY B 200 2.60 36.29 6.98
CA GLY B 200 3.92 36.42 6.32
C GLY B 200 5.08 36.61 7.29
N GLY B 201 6.19 35.93 7.02
CA GLY B 201 7.55 36.22 7.60
C GLY B 201 7.88 35.67 8.99
N GLU B 202 6.86 35.22 9.74
CA GLU B 202 7.20 34.68 11.08
C GLU B 202 8.03 33.43 10.94
N ASP B 203 7.82 32.71 9.84
CA ASP B 203 8.53 31.45 9.69
C ASP B 203 9.99 31.78 9.23
N ASP B 204 10.13 32.82 8.39
CA ASP B 204 11.46 33.32 8.01
C ASP B 204 12.18 33.89 9.25
N ASP B 205 11.43 34.54 10.13
CA ASP B 205 12.08 35.01 11.40
C ASP B 205 12.58 33.81 12.13
N ILE B 206 11.80 32.73 12.15
CA ILE B 206 12.20 31.56 12.94
C ILE B 206 13.43 30.89 12.36
N PHE B 207 13.45 30.74 11.04
CA PHE B 207 14.67 30.26 10.37
C PHE B 207 15.90 31.07 10.77
N ASN B 208 15.79 32.41 10.70
CA ASN B 208 16.94 33.29 11.07
C ASN B 208 17.37 32.97 12.48
N ARG B 209 16.39 32.75 13.37
CA ARG B 209 16.66 32.55 14.78
C ARG B 209 17.47 31.28 14.88
N LEU B 210 17.11 30.25 14.13
CA LEU B 210 17.87 28.98 14.24
C LEU B 210 19.32 29.14 13.73
N VAL B 211 19.48 29.87 12.66
CA VAL B 211 20.77 29.97 12.06
C VAL B 211 21.67 30.80 12.92
N PHE B 212 21.12 31.85 13.52
CA PHE B 212 21.85 32.65 14.46
C PHE B 212 22.32 31.91 15.70
N ARG B 213 21.71 30.78 16.02
CA ARG B 213 22.11 29.95 17.15
C ARG B 213 22.88 28.71 16.71
N GLY B 214 23.54 28.84 15.55
CA GLY B 214 24.42 27.81 15.05
C GLY B 214 23.76 26.55 14.53
N MET B 215 22.45 26.56 14.31
CA MET B 215 21.81 25.33 13.84
C MET B 215 21.73 25.37 12.34
N SER B 216 21.50 24.22 11.71
CA SER B 216 21.02 24.19 10.31
C SER B 216 19.74 23.34 10.23
N ILE B 217 19.18 23.21 9.05
CA ILE B 217 17.85 22.65 8.85
C ILE B 217 17.95 21.24 8.25
N SER B 218 17.46 20.24 8.99
CA SER B 218 17.37 18.83 8.55
C SER B 218 16.07 18.62 7.74
N ARG B 219 16.12 17.95 6.60
CA ARG B 219 14.91 17.67 5.75
C ARG B 219 14.86 16.23 5.26
N PRO B 220 13.68 15.62 5.20
CA PRO B 220 13.72 14.35 4.46
C PRO B 220 13.80 14.69 2.93
N ASN B 221 13.93 13.71 2.06
CA ASN B 221 14.01 14.01 0.61
C ASN B 221 12.65 14.46 0.11
N ALA B 222 12.62 14.95 -1.11
CA ALA B 222 11.41 15.48 -1.74
C ALA B 222 10.30 14.48 -1.91
N VAL B 223 10.61 13.21 -2.07
CA VAL B 223 9.56 12.17 -2.18
C VAL B 223 8.93 11.82 -0.82
N VAL B 224 9.77 11.49 0.14
CA VAL B 224 9.31 11.32 1.51
C VAL B 224 8.52 12.54 2.00
N GLY B 225 8.98 13.75 1.65
CA GLY B 225 8.35 14.97 2.19
C GLY B 225 7.18 15.50 1.39
N THR B 226 6.69 14.72 0.41
CA THR B 226 5.49 15.14 -0.29
C THR B 226 4.33 15.47 0.64
N THR B 227 3.70 16.64 0.44
CA THR B 227 2.64 17.09 1.33
C THR B 227 1.46 17.73 0.57
N ARG B 228 0.22 17.45 1.01
CA ARG B 228 -0.95 18.14 0.49
C ARG B 228 -1.41 19.30 1.39
N HIS B 229 -1.69 20.42 0.73
CA HIS B 229 -2.45 21.53 1.24
C HIS B 229 -3.92 21.39 0.87
N ILE B 230 -4.80 21.64 1.83
CA ILE B 230 -6.23 21.67 1.53
C ILE B 230 -6.59 23.02 0.96
N ARG B 231 -7.00 23.05 -0.31
CA ARG B 231 -7.37 24.32 -0.96
C ARG B 231 -8.43 25.02 -0.17
N HIS B 232 -8.24 26.30 0.02
CA HIS B 232 -9.23 27.12 0.71
C HIS B 232 -9.16 28.54 0.20
N SER B 233 -10.21 29.32 0.40
CA SER B 233 -10.15 30.79 0.14
C SER B 233 -9.46 31.55 1.29
N ARG B 234 -9.23 32.84 1.08
CA ARG B 234 -8.52 33.63 2.05
C ARG B 234 -9.29 33.66 3.38
N ASP B 235 -8.56 33.78 4.47
CA ASP B 235 -9.21 33.90 5.77
C ASP B 235 -9.46 35.39 5.91
N LYS B 236 -10.46 35.81 6.65
CA LYS B 236 -10.42 37.18 7.13
C LYS B 236 -9.44 37.31 8.30
N LYS B 237 -8.91 38.52 8.51
CA LYS B 237 -8.14 38.87 9.70
C LYS B 237 -6.75 38.25 9.76
N ASN B 238 -6.22 37.95 8.57
CA ASN B 238 -4.84 37.52 8.44
C ASN B 238 -4.25 38.13 7.14
N GLU B 239 -4.57 39.39 6.90
CA GLU B 239 -4.04 40.13 5.77
C GLU B 239 -2.50 40.21 5.89
N PRO B 240 -1.77 40.13 4.76
CA PRO B 240 -0.31 40.27 4.79
C PRO B 240 0.15 41.43 5.63
N ASN B 241 1.08 41.11 6.52
CA ASN B 241 1.72 42.04 7.39
C ASN B 241 2.74 42.93 6.65
N PRO B 242 2.43 44.22 6.42
CA PRO B 242 3.45 45.08 5.78
C PRO B 242 4.70 45.33 6.65
N GLN B 243 4.69 45.02 7.94
CA GLN B 243 5.92 45.25 8.69
C GLN B 243 6.85 44.04 8.68
N ARG B 244 6.48 43.01 7.93
CA ARG B 244 7.16 41.72 8.11
C ARG B 244 8.61 41.79 7.64
N PHE B 245 8.85 42.53 6.55
CA PHE B 245 10.18 42.62 5.95
C PHE B 245 11.10 43.35 6.89
N ASP B 246 10.66 44.46 7.45
CA ASP B 246 11.43 45.11 8.49
C ASP B 246 11.63 44.19 9.69
N ARG B 247 10.64 43.38 10.04
CA ARG B 247 10.85 42.54 11.21
C ARG B 247 11.89 41.41 11.00
N ILE B 248 11.86 40.79 9.82
CA ILE B 248 12.77 39.66 9.61
C ILE B 248 14.24 40.16 9.49
N ALA B 249 14.41 41.38 8.98
CA ALA B 249 15.74 42.04 8.90
C ALA B 249 16.28 42.35 10.29
N HIS B 250 15.45 42.37 11.31
CA HIS B 250 16.00 42.66 12.66
C HIS B 250 15.97 41.49 13.60
N THR B 251 15.74 40.30 13.05
CA THR B 251 15.67 39.13 13.93
C THR B 251 16.78 39.00 14.98
N LYS B 252 18.03 39.21 14.61
CA LYS B 252 19.11 38.95 15.52
C LYS B 252 18.99 39.86 16.73
N GLU B 253 18.48 41.08 16.52
CA GLU B 253 18.43 42.10 17.58
C GLU B 253 17.29 41.76 18.57
N THR B 254 16.14 41.41 18.02
CA THR B 254 14.91 41.29 18.80
C THR B 254 14.78 39.92 19.48
N MET B 255 15.34 38.89 18.86
CA MET B 255 15.11 37.53 19.35
C MET B 255 15.53 37.34 20.79
N LEU B 256 16.41 38.16 21.28
CA LEU B 256 16.88 38.00 22.69
C LEU B 256 15.81 38.41 23.70
N SER B 257 15.03 39.42 23.34
CA SER B 257 14.10 40.04 24.25
C SER B 257 12.63 39.83 23.84
N ASP B 258 12.42 39.17 22.70
CA ASP B 258 11.09 38.92 22.19
C ASP B 258 10.89 37.41 21.83
N GLY B 259 10.07 36.73 22.63
CA GLY B 259 9.78 35.34 22.40
C GLY B 259 9.27 34.71 23.65
N LEU B 260 9.82 33.54 23.98
CA LEU B 260 9.38 32.78 25.12
C LEU B 260 9.48 33.62 26.41
N ASN B 261 10.54 34.42 26.53
CA ASN B 261 10.75 35.20 27.73
C ASN B 261 9.90 36.46 27.77
N SER B 262 9.12 36.76 26.73
CA SER B 262 8.26 37.93 26.83
C SER B 262 6.82 37.54 26.57
N LEU B 263 6.56 36.25 26.55
CA LEU B 263 5.25 35.75 26.18
C LEU B 263 4.18 36.04 27.25
N THR B 264 3.12 36.71 26.86
CA THR B 264 1.98 36.81 27.75
C THR B 264 0.73 36.56 26.98
N TYR B 265 -0.22 35.93 27.68
CA TYR B 265 -1.55 35.62 27.11
C TYR B 265 -2.52 35.26 28.24
N GLN B 266 -3.80 35.14 27.93
CA GLN B 266 -4.75 34.66 28.91
C GLN B 266 -5.55 33.46 28.34
N VAL B 267 -5.47 32.31 28.99
CA VAL B 267 -6.22 31.13 28.53
C VAL B 267 -7.68 31.35 28.97
N LEU B 268 -8.63 31.26 28.04
CA LEU B 268 -10.06 31.31 28.39
C LEU B 268 -10.62 29.92 28.71
N ASP B 269 -10.02 28.86 28.15
CA ASP B 269 -10.63 27.55 28.29
C ASP B 269 -9.72 26.45 27.78
N VAL B 270 -9.84 25.28 28.35
CA VAL B 270 -9.09 24.12 27.95
C VAL B 270 -10.12 23.01 27.75
N GLN B 271 -10.15 22.38 26.58
CA GLN B 271 -11.16 21.35 26.37
C GLN B 271 -10.50 20.09 25.83
N ARG B 272 -10.83 18.95 26.41
CA ARG B 272 -10.29 17.69 26.02
C ARG B 272 -11.37 17.09 25.17
N TYR B 273 -11.04 16.73 23.97
CA TYR B 273 -11.94 16.00 23.17
C TYR B 273 -11.32 14.65 22.92
N PRO B 274 -12.11 13.72 22.35
CA PRO B 274 -11.43 12.46 22.18
C PRO B 274 -10.13 12.56 21.33
N LEU B 275 -10.12 13.35 20.25
CA LEU B 275 -8.95 13.33 19.38
C LEU B 275 -7.93 14.48 19.50
N TYR B 276 -8.20 15.44 20.37
CA TYR B 276 -7.27 16.55 20.60
C TYR B 276 -7.62 17.32 21.85
N THR B 277 -6.67 18.16 22.31
CA THR B 277 -6.91 19.13 23.34
C THR B 277 -6.98 20.48 22.66
N GLN B 278 -8.02 21.24 22.97
CA GLN B 278 -8.15 22.56 22.40
C GLN B 278 -8.00 23.56 23.52
N ILE B 279 -7.06 24.49 23.35
CA ILE B 279 -6.83 25.49 24.34
C ILE B 279 -7.17 26.79 23.62
N THR B 280 -8.19 27.51 24.11
CA THR B 280 -8.56 28.76 23.52
C THR B 280 -7.95 29.89 24.29
N VAL B 281 -7.34 30.82 23.61
CA VAL B 281 -6.47 31.75 24.33
C VAL B 281 -6.60 33.16 23.80
N ASP B 282 -6.61 34.14 24.71
CA ASP B 282 -6.55 35.54 24.27
C ASP B 282 -5.06 35.96 24.19
N ILE B 283 -4.59 36.24 22.98
CA ILE B 283 -3.17 36.58 22.80
C ILE B 283 -2.96 38.06 22.49
N GLY B 284 -4.01 38.85 22.67
CA GLY B 284 -3.89 40.28 22.54
C GLY B 284 -4.00 40.82 21.12
N THR B 285 -3.66 42.10 20.99
CA THR B 285 -3.73 42.81 19.74
C THR B 285 -2.37 43.54 19.51
N PRO B 286 -2.10 43.93 18.25
CA PRO B 286 -0.96 44.79 17.94
C PRO B 286 -1.04 46.08 18.78
N SER B 287 0.13 46.59 19.18
CA SER B 287 0.28 48.04 19.53
C SER B 287 -0.09 48.94 18.35
N SER C 15 3.10 31.36 -13.57
CA SER C 15 2.41 30.08 -13.93
C SER C 15 3.19 28.83 -13.45
N LEU C 16 2.62 27.65 -13.72
CA LEU C 16 3.05 26.44 -13.02
C LEU C 16 4.47 26.04 -13.33
N PRO C 17 5.15 25.46 -12.35
CA PRO C 17 6.42 24.76 -12.56
C PRO C 17 6.22 23.40 -13.22
N ALA C 18 7.29 22.87 -13.80
CA ALA C 18 7.29 21.55 -14.39
C ALA C 18 7.05 20.52 -13.25
N CYS C 19 6.33 19.42 -13.55
CA CYS C 19 6.16 18.34 -12.59
C CYS C 19 7.53 17.70 -12.31
N PRO C 20 7.73 17.11 -11.08
CA PRO C 20 9.00 16.37 -10.93
C PRO C 20 9.17 15.37 -12.08
N GLU C 21 10.41 14.97 -12.37
CA GLU C 21 10.68 14.08 -13.50
C GLU C 21 9.95 12.76 -13.30
N GLU C 22 9.95 12.23 -12.07
CA GLU C 22 9.13 11.07 -11.72
C GLU C 22 8.12 11.52 -10.72
N SER C 23 6.92 11.00 -10.82
CA SER C 23 5.89 11.40 -9.89
C SER C 23 6.25 10.95 -8.46
N PRO C 24 5.99 11.81 -7.45
CA PRO C 24 6.30 11.42 -6.07
C PRO C 24 5.09 10.74 -5.39
N LEU C 25 4.02 10.57 -6.16
CA LEU C 25 2.71 10.15 -5.64
C LEU C 25 2.52 8.63 -5.76
N LEU C 26 3.42 7.99 -6.51
CA LEU C 26 3.33 6.59 -6.89
C LEU C 26 3.34 5.65 -5.65
N VAL C 27 2.48 4.63 -5.69
CA VAL C 27 2.38 3.71 -4.58
C VAL C 27 2.95 2.35 -4.91
N GLY C 28 3.42 2.17 -6.14
CA GLY C 28 3.88 0.85 -6.61
C GLY C 28 2.75 -0.18 -6.77
N PRO C 29 2.96 -1.41 -6.30
CA PRO C 29 2.06 -2.55 -6.62
C PRO C 29 0.73 -2.42 -5.95
N MET C 30 -0.33 -2.84 -6.65
CA MET C 30 -1.71 -2.63 -6.18
C MET C 30 -2.51 -3.91 -6.17
N LEU C 31 -3.67 -3.83 -5.55
CA LEU C 31 -4.63 -4.94 -5.49
C LEU C 31 -5.67 -4.85 -6.62
N ILE C 32 -5.64 -5.83 -7.51
CA ILE C 32 -6.52 -5.83 -8.68
C ILE C 32 -7.53 -6.97 -8.64
N GLU C 33 -8.82 -6.63 -8.61
CA GLU C 33 -9.90 -7.64 -8.58
C GLU C 33 -11.03 -7.35 -9.61
N PHE C 34 -11.64 -8.42 -10.13
CA PHE C 34 -12.60 -8.33 -11.25
C PHE C 34 -13.97 -9.00 -10.97
N ASN C 35 -14.39 -9.04 -9.72
CA ASN C 35 -15.61 -9.78 -9.38
C ASN C 35 -16.59 -8.91 -8.62
N MET C 36 -16.64 -7.63 -8.95
CA MET C 36 -17.62 -6.76 -8.34
C MET C 36 -18.30 -5.93 -9.41
N PRO C 37 -19.55 -5.49 -9.16
CA PRO C 37 -20.15 -4.47 -10.03
C PRO C 37 -19.40 -3.12 -9.92
N VAL C 38 -19.23 -2.45 -11.07
CA VAL C 38 -18.68 -1.09 -11.11
C VAL C 38 -19.73 -0.08 -11.53
N ASP C 39 -20.00 0.89 -10.67
CA ASP C 39 -20.84 2.02 -11.05
C ASP C 39 -20.05 3.25 -11.51
N LEU C 40 -20.05 3.47 -12.83
CA LEU C 40 -19.33 4.58 -13.45
C LEU C 40 -19.74 5.97 -12.97
N GLU C 41 -20.95 6.13 -12.46
CA GLU C 41 -21.36 7.41 -11.88
C GLU C 41 -20.53 7.68 -10.60
N LEU C 42 -20.21 6.56 -9.93
CA LEU C 42 -19.52 6.56 -8.67
C LEU C 42 -17.98 6.58 -8.91
N VAL C 43 -17.50 5.86 -9.92
CA VAL C 43 -16.12 6.05 -10.37
C VAL C 43 -15.77 7.52 -10.61
N ALA C 44 -16.73 8.29 -11.12
CA ALA C 44 -16.53 9.71 -11.40
C ALA C 44 -16.55 10.59 -10.13
N LYS C 45 -17.42 10.25 -9.18
CA LYS C 45 -17.44 10.96 -7.91
C LYS C 45 -16.13 10.74 -7.16
N GLN C 46 -15.56 9.54 -7.36
CA GLN C 46 -14.24 9.13 -6.84
C GLN C 46 -13.06 9.83 -7.53
N ASN C 47 -13.32 10.35 -8.72
CA ASN C 47 -12.27 10.91 -9.53
C ASN C 47 -12.71 12.25 -9.96
N PRO C 48 -13.01 13.12 -9.01
CA PRO C 48 -13.65 14.35 -9.37
C PRO C 48 -12.79 15.30 -10.18
N ASN C 49 -11.50 15.01 -10.35
CA ASN C 49 -10.65 15.93 -11.12
C ASN C 49 -10.60 15.61 -12.62
N VAL C 50 -11.04 14.41 -13.00
CA VAL C 50 -11.17 14.05 -14.42
C VAL C 50 -12.32 14.86 -15.07
N LYS C 51 -11.95 15.71 -16.03
CA LYS C 51 -12.94 16.59 -16.69
C LYS C 51 -13.71 15.87 -17.84
N MET C 52 -14.82 16.46 -18.29
CA MET C 52 -15.74 15.78 -19.22
C MET C 52 -14.94 15.26 -20.42
N GLY C 53 -15.21 14.04 -20.83
CA GLY C 53 -14.49 13.47 -21.96
C GLY C 53 -13.30 12.65 -21.52
N GLY C 54 -13.10 12.53 -20.19
CA GLY C 54 -12.00 11.72 -19.69
C GLY C 54 -10.68 12.44 -19.82
N ARG C 55 -10.65 13.73 -19.48
CA ARG C 55 -9.45 14.53 -19.61
C ARG C 55 -8.93 14.90 -18.23
N TYR C 56 -7.63 14.81 -18.01
CA TYR C 56 -7.02 15.24 -16.72
C TYR C 56 -5.67 15.86 -16.94
N ALA C 57 -5.40 16.96 -16.28
CA ALA C 57 -4.01 17.40 -16.12
C ALA C 57 -3.79 17.91 -14.67
N PRO C 58 -2.58 17.77 -14.16
CA PRO C 58 -2.36 18.22 -12.79
C PRO C 58 -2.65 19.69 -12.57
N ARG C 59 -3.30 20.00 -11.48
CA ARG C 59 -3.41 21.38 -11.02
C ARG C 59 -2.08 22.02 -10.64
N ASP C 60 -1.12 21.29 -10.09
CA ASP C 60 0.01 21.99 -9.44
C ASP C 60 1.31 22.12 -10.23
N CYS C 61 1.36 21.46 -11.39
CA CYS C 61 2.60 21.46 -12.12
C CYS C 61 2.31 21.04 -13.56
N VAL C 62 3.16 21.48 -14.49
CA VAL C 62 3.01 21.15 -15.92
C VAL C 62 3.63 19.80 -16.22
N SER C 63 2.82 18.84 -16.60
CA SER C 63 3.38 17.55 -16.99
C SER C 63 4.06 17.68 -18.35
N PRO C 64 5.24 17.06 -18.52
CA PRO C 64 5.73 17.03 -19.93
C PRO C 64 5.07 15.96 -20.80
N HIS C 65 4.20 15.14 -20.22
CA HIS C 65 3.55 14.07 -20.96
C HIS C 65 2.14 14.41 -21.39
N LYS C 66 1.92 14.50 -22.70
CA LYS C 66 0.62 14.83 -23.19
C LYS C 66 0.22 13.58 -23.91
N VAL C 67 -0.69 12.82 -23.28
CA VAL C 67 -0.87 11.42 -23.63
C VAL C 67 -2.30 11.15 -24.04
N ALA C 68 -2.46 10.65 -25.26
CA ALA C 68 -3.80 10.27 -25.65
C ALA C 68 -3.89 8.83 -25.30
N ILE C 69 -4.96 8.37 -24.68
CA ILE C 69 -4.95 6.94 -24.49
C ILE C 69 -6.01 6.23 -25.29
N ILE C 70 -5.59 5.21 -26.02
CA ILE C 70 -6.42 4.79 -27.15
C ILE C 70 -6.81 3.34 -27.10
N ILE C 71 -8.10 3.09 -26.92
CA ILE C 71 -8.59 1.77 -26.65
C ILE C 71 -9.46 1.28 -27.85
N PRO C 72 -9.00 0.24 -28.59
CA PRO C 72 -9.84 -0.26 -29.68
C PRO C 72 -10.97 -1.03 -29.04
N PHE C 73 -12.18 -0.98 -29.61
CA PHE C 73 -13.37 -1.39 -28.90
C PHE C 73 -14.53 -1.83 -29.79
N ARG C 74 -15.24 -2.89 -29.40
CA ARG C 74 -16.68 -3.13 -29.71
C ARG C 74 -17.29 -4.11 -28.72
N ASN C 75 -18.40 -3.74 -28.10
CA ASN C 75 -19.11 -4.66 -27.20
C ASN C 75 -18.19 -5.31 -26.11
N ARG C 76 -17.51 -4.44 -25.34
CA ARG C 76 -16.70 -4.84 -24.18
C ARG C 76 -16.95 -3.85 -23.06
N GLN C 77 -18.22 -3.54 -22.83
CA GLN C 77 -18.58 -2.48 -21.96
C GLN C 77 -18.25 -2.80 -20.51
N GLU C 78 -18.23 -4.09 -20.16
CA GLU C 78 -18.05 -4.52 -18.78
C GLU C 78 -16.56 -4.38 -18.53
N HIS C 79 -15.75 -4.77 -19.51
CA HIS C 79 -14.32 -4.59 -19.42
C HIS C 79 -13.95 -3.13 -19.31
N LEU C 80 -14.62 -2.28 -20.06
CA LEU C 80 -14.29 -0.87 -20.07
C LEU C 80 -14.53 -0.24 -18.70
N LYS C 81 -15.53 -0.74 -18.02
CA LYS C 81 -15.86 -0.23 -16.71
C LYS C 81 -14.74 -0.58 -15.72
N TYR C 82 -14.17 -1.77 -15.82
CA TYR C 82 -13.01 -2.11 -15.02
C TYR C 82 -11.79 -1.29 -15.44
N TRP C 83 -11.62 -1.07 -16.74
CA TRP C 83 -10.47 -0.39 -17.23
C TRP C 83 -10.45 0.99 -16.62
N LEU C 84 -11.60 1.63 -16.51
CA LEU C 84 -11.65 3.01 -16.17
C LEU C 84 -11.53 3.17 -14.63
N TYR C 85 -12.20 2.29 -13.88
CA TYR C 85 -12.07 2.17 -12.43
C TYR C 85 -10.60 2.09 -11.99
N TYR C 86 -9.83 1.26 -12.71
CA TYR C 86 -8.42 1.07 -12.42
C TYR C 86 -7.48 2.15 -12.94
N LEU C 87 -7.54 2.43 -14.25
CA LEU C 87 -6.56 3.32 -14.90
C LEU C 87 -6.63 4.76 -14.44
N HIS C 88 -7.82 5.27 -14.17
CA HIS C 88 -7.93 6.65 -13.88
C HIS C 88 -7.20 7.08 -12.60
N PRO C 89 -7.19 6.21 -11.55
CA PRO C 89 -6.43 6.69 -10.38
C PRO C 89 -4.96 6.61 -10.65
N VAL C 90 -4.54 5.58 -11.36
CA VAL C 90 -3.15 5.35 -11.75
C VAL C 90 -2.59 6.49 -12.58
N LEU C 91 -3.22 6.76 -13.74
CA LEU C 91 -2.78 7.81 -14.68
C LEU C 91 -2.68 9.19 -14.00
N GLN C 92 -3.63 9.54 -13.14
CA GLN C 92 -3.48 10.75 -12.30
C GLN C 92 -2.26 10.73 -11.39
N ARG C 93 -1.97 9.58 -10.80
CA ARG C 93 -0.88 9.51 -9.83
C ARG C 93 0.38 9.68 -10.60
N GLN C 94 0.32 9.31 -11.89
CA GLN C 94 1.47 9.37 -12.81
C GLN C 94 1.69 10.79 -13.33
N GLN C 95 0.85 11.69 -12.86
CA GLN C 95 0.95 13.14 -13.14
C GLN C 95 0.94 13.49 -14.61
N LEU C 96 0.09 12.81 -15.38
CA LEU C 96 0.05 12.95 -16.83
C LEU C 96 -1.04 13.96 -17.27
N ASP C 97 -0.81 14.61 -18.39
CA ASP C 97 -1.82 15.41 -19.07
C ASP C 97 -2.39 14.46 -20.15
N TYR C 98 -3.57 13.91 -19.94
CA TYR C 98 -4.03 12.79 -20.72
C TYR C 98 -5.53 12.87 -21.03
N GLY C 99 -5.97 12.12 -22.07
CA GLY C 99 -7.39 11.98 -22.34
C GLY C 99 -7.64 10.57 -22.77
N ILE C 100 -8.84 10.08 -22.53
CA ILE C 100 -9.14 8.68 -22.86
C ILE C 100 -10.02 8.62 -24.15
N TYR C 101 -9.65 7.76 -25.09
CA TYR C 101 -10.43 7.59 -26.34
C TYR C 101 -10.83 6.13 -26.62
N VAL C 102 -12.08 5.81 -26.39
CA VAL C 102 -12.60 4.52 -26.80
C VAL C 102 -12.99 4.55 -28.32
N ILE C 103 -12.26 3.82 -29.14
CA ILE C 103 -12.54 3.79 -30.60
C ILE C 103 -13.49 2.64 -30.92
N ASN C 104 -14.80 2.92 -30.99
CA ASN C 104 -15.83 1.90 -31.14
C ASN C 104 -16.12 1.57 -32.62
N GLN C 105 -15.92 0.30 -33.02
CA GLN C 105 -16.21 -0.14 -34.40
C GLN C 105 -17.70 -0.17 -34.71
N ALA C 106 -18.10 0.65 -35.69
CA ALA C 106 -19.51 0.70 -36.05
C ALA C 106 -19.84 -0.59 -36.75
N GLY C 107 -21.04 -1.11 -36.48
CA GLY C 107 -21.59 -2.22 -37.25
C GLY C 107 -20.97 -3.57 -36.91
N ASP C 108 -21.52 -4.63 -37.49
CA ASP C 108 -21.29 -6.00 -37.03
C ASP C 108 -20.45 -6.82 -37.97
N THR C 109 -19.57 -6.18 -38.74
CA THR C 109 -18.57 -6.95 -39.51
C THR C 109 -17.22 -7.14 -38.82
N ILE C 110 -16.35 -7.87 -39.49
CA ILE C 110 -15.12 -8.39 -38.92
C ILE C 110 -14.22 -7.29 -38.33
N PHE C 111 -13.84 -7.50 -37.07
CA PHE C 111 -13.06 -6.54 -36.29
C PHE C 111 -11.72 -6.18 -36.91
N ASN C 112 -11.35 -4.90 -36.81
CA ASN C 112 -10.01 -4.50 -37.23
C ASN C 112 -9.24 -3.69 -36.17
N ARG C 113 -8.53 -4.40 -35.30
CA ARG C 113 -7.79 -3.74 -34.20
C ARG C 113 -6.97 -2.53 -34.60
N ALA C 114 -5.99 -2.75 -35.47
CA ALA C 114 -4.97 -1.74 -35.78
C ALA C 114 -5.55 -0.49 -36.47
N LYS C 115 -6.69 -0.67 -37.17
CA LYS C 115 -7.28 0.42 -37.94
C LYS C 115 -8.01 1.29 -36.95
N LEU C 116 -8.64 0.66 -35.96
CA LEU C 116 -9.24 1.42 -34.85
C LEU C 116 -8.18 2.28 -34.13
N LEU C 117 -6.99 1.72 -33.96
CA LEU C 117 -5.89 2.45 -33.34
C LEU C 117 -5.44 3.64 -34.19
N ASN C 118 -5.36 3.42 -35.51
CA ASN C 118 -5.00 4.51 -36.42
C ASN C 118 -6.02 5.65 -36.31
N VAL C 119 -7.29 5.30 -36.29
CA VAL C 119 -8.26 6.34 -36.11
C VAL C 119 -7.99 7.15 -34.82
N GLY C 120 -7.91 6.43 -33.67
CA GLY C 120 -7.66 7.08 -32.39
C GLY C 120 -6.54 8.10 -32.53
N PHE C 121 -5.43 7.66 -33.10
CA PHE C 121 -4.33 8.60 -33.31
C PHE C 121 -4.83 9.88 -33.98
N GLN C 122 -5.47 9.72 -35.14
CA GLN C 122 -5.86 10.87 -35.97
C GLN C 122 -6.85 11.75 -35.27
N GLU C 123 -7.89 11.15 -34.70
CA GLU C 123 -8.95 11.92 -34.11
C GLU C 123 -8.57 12.59 -32.79
N ALA C 124 -7.61 12.05 -32.06
CA ALA C 124 -7.30 12.63 -30.74
C ALA C 124 -6.47 13.85 -31.01
N LEU C 125 -5.70 13.78 -32.10
CA LEU C 125 -4.95 14.95 -32.53
C LEU C 125 -5.84 16.13 -32.95
N LYS C 126 -7.12 15.88 -33.22
CA LYS C 126 -8.06 16.99 -33.45
C LYS C 126 -8.56 17.66 -32.16
N ASP C 127 -8.48 16.95 -31.02
CA ASP C 127 -8.79 17.55 -29.70
C ASP C 127 -7.69 18.40 -29.13
N TYR C 128 -6.46 17.95 -29.23
CA TYR C 128 -5.41 18.57 -28.44
C TYR C 128 -4.06 18.20 -29.01
N ASP C 129 -3.04 19.01 -28.74
CA ASP C 129 -1.70 18.64 -29.19
C ASP C 129 -1.00 17.49 -28.41
N TYR C 130 -1.60 16.31 -28.44
CA TYR C 130 -0.98 15.17 -27.81
C TYR C 130 0.31 14.84 -28.53
N THR C 131 1.36 14.45 -27.79
CA THR C 131 2.63 14.07 -28.39
C THR C 131 3.04 12.65 -28.05
N CYS C 132 2.08 11.88 -27.53
CA CYS C 132 2.37 10.56 -27.04
C CYS C 132 1.10 9.79 -27.13
N PHE C 133 1.20 8.54 -27.52
CA PHE C 133 0.00 7.75 -27.66
C PHE C 133 0.23 6.43 -26.98
N VAL C 134 -0.78 5.98 -26.23
CA VAL C 134 -0.66 4.71 -25.57
C VAL C 134 -1.79 3.94 -26.11
N PHE C 135 -1.47 2.82 -26.74
CA PHE C 135 -2.51 1.99 -27.28
C PHE C 135 -2.75 0.84 -26.33
N SER C 136 -3.96 0.73 -25.82
CA SER C 136 -4.21 -0.30 -24.84
C SER C 136 -5.45 -1.15 -25.11
N ASP C 137 -5.32 -2.47 -25.09
CA ASP C 137 -6.52 -3.30 -25.10
C ASP C 137 -7.36 -2.98 -23.89
N VAL C 138 -8.66 -3.27 -23.98
CA VAL C 138 -9.59 -2.84 -22.95
C VAL C 138 -9.57 -3.81 -21.71
N ASP C 139 -8.89 -4.93 -21.84
CA ASP C 139 -8.95 -5.96 -20.82
C ASP C 139 -7.54 -6.17 -20.20
N LEU C 140 -6.70 -5.12 -20.22
CA LEU C 140 -5.38 -5.14 -19.60
C LEU C 140 -5.28 -4.07 -18.52
N ILE C 141 -5.12 -4.53 -17.27
CA ILE C 141 -5.02 -3.62 -16.10
C ILE C 141 -3.61 -3.77 -15.52
N PRO C 142 -2.86 -2.67 -15.41
CA PRO C 142 -1.50 -2.81 -14.87
C PRO C 142 -1.54 -2.92 -13.36
N MET C 143 -0.58 -3.61 -12.74
CA MET C 143 -0.75 -3.74 -11.29
C MET C 143 0.23 -2.95 -10.42
N ASN C 144 1.05 -2.19 -11.12
CA ASN C 144 2.15 -1.45 -10.54
C ASN C 144 2.26 -0.09 -11.22
N ASP C 145 1.78 0.93 -10.51
CA ASP C 145 1.72 2.26 -11.03
C ASP C 145 3.05 2.90 -11.26
N HIS C 146 4.15 2.19 -11.04
CA HIS C 146 5.47 2.57 -11.57
C HIS C 146 5.60 2.22 -13.07
N ASN C 147 4.64 1.48 -13.63
CA ASN C 147 4.71 1.12 -15.11
C ASN C 147 4.17 2.35 -15.86
N ALA C 148 5.06 3.15 -16.43
CA ALA C 148 4.67 4.47 -16.88
C ALA C 148 3.82 4.36 -18.19
N TYR C 149 2.58 4.83 -18.13
CA TYR C 149 1.78 5.02 -19.33
C TYR C 149 2.12 6.31 -20.14
N ARG C 150 3.37 6.45 -20.55
CA ARG C 150 3.73 7.56 -21.45
C ARG C 150 4.88 7.15 -22.39
N CYS C 151 5.43 8.09 -23.16
CA CYS C 151 6.43 7.73 -24.14
C CYS C 151 7.87 7.91 -23.69
N PHE C 152 8.75 7.17 -24.34
CA PHE C 152 10.15 7.09 -24.05
C PHE C 152 10.95 7.39 -25.34
N SER C 153 12.26 7.39 -25.24
CA SER C 153 13.06 7.71 -26.39
C SER C 153 12.94 6.62 -27.50
N GLN C 154 12.46 5.43 -27.13
CA GLN C 154 12.17 4.36 -28.08
C GLN C 154 10.75 3.88 -27.82
N PRO C 155 10.16 3.18 -28.82
CA PRO C 155 8.79 2.75 -28.64
C PRO C 155 8.74 1.84 -27.44
N ARG C 156 7.62 1.89 -26.75
CA ARG C 156 7.57 1.34 -25.43
C ARG C 156 6.53 0.25 -25.32
N HIS C 157 6.98 -0.94 -24.92
CA HIS C 157 6.06 -2.02 -24.66
C HIS C 157 5.81 -2.06 -23.14
N ILE C 158 4.55 -2.01 -22.73
CA ILE C 158 4.16 -1.69 -21.38
C ILE C 158 3.55 -2.89 -20.65
N SER C 159 2.84 -3.76 -21.38
CA SER C 159 2.15 -4.93 -20.75
C SER C 159 3.11 -6.15 -20.85
N VAL C 160 4.27 -6.07 -20.21
CA VAL C 160 5.32 -7.03 -20.42
C VAL C 160 5.13 -8.36 -19.66
N ALA C 161 4.23 -8.40 -18.68
CA ALA C 161 4.19 -9.56 -17.80
C ALA C 161 2.78 -9.84 -17.35
N MET C 162 2.00 -10.41 -18.25
CA MET C 162 0.58 -10.57 -18.04
C MET C 162 0.40 -11.93 -17.39
N ASP C 163 -0.51 -11.98 -16.41
CA ASP C 163 -0.83 -13.26 -15.79
C ASP C 163 -1.05 -14.33 -16.90
N LYS C 164 -1.87 -13.96 -17.88
CA LYS C 164 -2.33 -14.93 -18.89
C LYS C 164 -1.17 -15.59 -19.61
N PHE C 165 0.00 -14.96 -19.56
CA PHE C 165 1.21 -15.54 -20.16
C PHE C 165 2.22 -16.04 -19.12
N GLY C 166 1.70 -16.31 -17.92
CA GLY C 166 2.54 -16.76 -16.80
C GLY C 166 3.60 -15.74 -16.44
N PHE C 167 3.17 -14.48 -16.34
CA PHE C 167 3.99 -13.38 -15.81
C PHE C 167 5.30 -13.10 -16.53
N SER C 168 5.38 -13.49 -17.80
CA SER C 168 6.41 -12.92 -18.66
C SER C 168 5.98 -12.71 -20.14
N LEU C 169 6.92 -12.31 -20.97
CA LEU C 169 6.60 -12.10 -22.37
C LEU C 169 6.31 -13.46 -22.97
N PRO C 170 5.29 -13.54 -23.85
CA PRO C 170 5.05 -14.82 -24.54
C PRO C 170 6.16 -15.12 -25.49
N TYR C 171 6.85 -14.09 -25.95
CA TYR C 171 8.02 -14.26 -26.81
C TYR C 171 8.71 -12.92 -26.88
N VAL C 172 10.00 -12.92 -27.18
CA VAL C 172 10.79 -11.72 -26.96
C VAL C 172 10.37 -10.52 -27.86
N GLN C 173 9.76 -10.83 -29.00
CA GLN C 173 9.41 -9.81 -29.99
C GLN C 173 7.94 -9.43 -29.89
N TYR C 174 7.27 -9.88 -28.83
CA TYR C 174 5.87 -9.56 -28.66
C TYR C 174 5.63 -8.08 -28.36
N PHE C 175 4.57 -7.52 -28.95
CA PHE C 175 4.30 -6.09 -28.88
C PHE C 175 2.81 -5.80 -28.72
N GLY C 176 2.02 -6.82 -28.46
CA GLY C 176 0.60 -6.58 -28.24
C GLY C 176 0.26 -6.08 -26.84
N GLY C 177 -1.02 -5.96 -26.57
CA GLY C 177 -1.49 -5.56 -25.30
C GLY C 177 -1.60 -4.05 -25.08
N VAL C 178 -0.54 -3.48 -24.50
CA VAL C 178 -0.45 -2.06 -24.21
C VAL C 178 0.90 -1.60 -24.74
N SER C 179 0.94 -0.45 -25.43
CA SER C 179 2.23 0.09 -25.83
C SER C 179 2.08 1.56 -25.99
N ALA C 180 3.19 2.25 -26.24
CA ALA C 180 3.18 3.71 -26.35
C ALA C 180 4.15 4.09 -27.39
N LEU C 181 3.76 5.01 -28.27
CA LEU C 181 4.72 5.55 -29.28
C LEU C 181 4.58 7.01 -29.19
N SER C 182 5.68 7.73 -29.27
CA SER C 182 5.61 9.20 -29.43
C SER C 182 4.96 9.52 -30.77
N LYS C 183 4.58 10.77 -30.94
CA LYS C 183 3.98 11.20 -32.21
C LYS C 183 5.01 10.92 -33.31
N GLN C 184 6.25 11.35 -33.09
CA GLN C 184 7.32 11.11 -34.03
C GLN C 184 7.52 9.64 -34.38
N GLN C 185 7.55 8.80 -33.35
CA GLN C 185 7.77 7.37 -33.57
C GLN C 185 6.65 6.79 -34.38
N PHE C 186 5.43 7.26 -34.19
CA PHE C 186 4.26 6.78 -34.94
C PHE C 186 4.27 7.25 -36.42
N LEU C 187 4.71 8.47 -36.65
CA LEU C 187 4.76 9.00 -38.00
C LEU C 187 5.87 8.29 -38.81
N THR C 188 6.97 8.00 -38.14
CA THR C 188 8.10 7.39 -38.79
C THR C 188 7.77 6.03 -39.40
N ILE C 189 6.79 5.33 -38.85
CA ILE C 189 6.47 3.99 -39.33
C ILE C 189 5.17 4.00 -40.09
N ASN C 190 4.74 5.20 -40.49
CA ASN C 190 3.50 5.42 -41.22
C ASN C 190 2.32 4.83 -40.50
N GLY C 191 2.35 4.88 -39.16
CA GLY C 191 1.21 4.39 -38.37
C GLY C 191 1.12 2.87 -38.46
N PHE C 192 -0.06 2.35 -38.20
CA PHE C 192 -0.29 0.91 -38.15
C PHE C 192 -0.95 0.46 -39.49
N PRO C 193 -0.91 -0.86 -39.80
CA PRO C 193 -1.49 -1.35 -41.03
C PRO C 193 -3.01 -1.38 -40.95
N ASN C 194 -3.68 -1.14 -42.08
CA ASN C 194 -5.15 -1.05 -42.11
C ASN C 194 -5.85 -2.33 -42.50
N ASN C 195 -5.08 -3.28 -42.99
CA ASN C 195 -5.60 -4.49 -43.63
C ASN C 195 -5.34 -5.79 -42.90
N TYR C 196 -5.24 -5.74 -41.55
CA TYR C 196 -5.40 -6.94 -40.75
C TYR C 196 -6.81 -7.02 -40.28
N TRP C 197 -7.60 -7.87 -40.93
CA TRP C 197 -8.99 -8.14 -40.52
C TRP C 197 -9.08 -9.42 -39.71
N GLY C 198 -9.78 -9.36 -38.59
CA GLY C 198 -9.82 -10.42 -37.62
C GLY C 198 -8.56 -10.55 -36.77
N TRP C 199 -8.66 -11.37 -35.73
CA TRP C 199 -7.63 -11.59 -34.73
C TRP C 199 -6.32 -12.08 -35.31
N GLY C 200 -5.24 -11.38 -34.98
CA GLY C 200 -3.93 -11.94 -35.20
C GLY C 200 -2.96 -11.13 -36.01
N GLY C 201 -1.71 -11.12 -35.53
CA GLY C 201 -0.54 -10.67 -36.26
C GLY C 201 -0.31 -9.19 -36.45
N GLU C 202 -1.28 -8.35 -36.12
CA GLU C 202 -1.11 -6.93 -36.46
C GLU C 202 -0.06 -6.28 -35.56
N ASP C 203 0.01 -6.70 -34.30
CA ASP C 203 1.06 -6.23 -33.38
C ASP C 203 2.42 -6.64 -33.87
N ASP C 204 2.49 -7.85 -34.43
CA ASP C 204 3.72 -8.31 -35.08
C ASP C 204 4.07 -7.44 -36.27
N ASP C 205 3.06 -7.05 -37.03
CA ASP C 205 3.33 -6.13 -38.12
C ASP C 205 3.94 -4.87 -37.55
N ILE C 206 3.27 -4.30 -36.53
CA ILE C 206 3.76 -3.07 -35.90
C ILE C 206 5.19 -3.26 -35.46
N PHE C 207 5.44 -4.40 -34.83
CA PHE C 207 6.80 -4.71 -34.43
C PHE C 207 7.82 -4.64 -35.55
N ASN C 208 7.54 -5.33 -36.67
CA ASN C 208 8.44 -5.27 -37.86
C ASN C 208 8.65 -3.85 -38.37
N ARG C 209 7.57 -3.08 -38.43
CA ARG C 209 7.62 -1.65 -38.76
C ARG C 209 8.65 -0.89 -37.95
N LEU C 210 8.59 -1.05 -36.63
CA LEU C 210 9.55 -0.35 -35.72
C LEU C 210 10.98 -0.75 -36.00
N VAL C 211 11.20 -2.04 -36.16
CA VAL C 211 12.54 -2.57 -36.38
C VAL C 211 13.06 -2.13 -37.75
N PHE C 212 12.19 -2.20 -38.76
CA PHE C 212 12.59 -1.74 -40.09
C PHE C 212 12.99 -0.26 -40.04
N ARG C 213 12.31 0.54 -39.21
CA ARG C 213 12.61 1.97 -39.20
C ARG C 213 13.76 2.38 -38.32
N GLY C 214 14.52 1.41 -37.82
CA GLY C 214 15.70 1.73 -37.03
C GLY C 214 15.50 1.70 -35.53
N MET C 215 14.31 1.31 -35.07
CA MET C 215 13.98 1.38 -33.64
C MET C 215 14.21 0.09 -32.82
N SER C 216 14.26 0.20 -31.49
CA SER C 216 14.18 -0.98 -30.59
C SER C 216 13.07 -0.85 -29.53
N ILE C 217 12.85 -1.90 -28.75
CA ILE C 217 11.73 -1.86 -27.82
C ILE C 217 12.24 -1.58 -26.43
N SER C 218 11.79 -0.47 -25.84
CA SER C 218 11.98 -0.20 -24.41
C SER C 218 10.87 -0.88 -23.60
N ARG C 219 11.27 -1.41 -22.46
CA ARG C 219 10.36 -2.15 -21.58
C ARG C 219 10.67 -1.90 -20.11
N PRO C 220 9.65 -1.84 -19.27
CA PRO C 220 9.93 -1.91 -17.80
C PRO C 220 10.44 -3.34 -17.40
N ASN C 221 10.83 -3.54 -16.13
CA ASN C 221 11.18 -4.87 -15.71
C ASN C 221 9.94 -5.72 -15.54
N ALA C 222 10.13 -7.02 -15.57
CA ALA C 222 9.04 -7.96 -15.43
C ALA C 222 8.15 -7.64 -14.23
N VAL C 223 8.71 -7.16 -13.13
CA VAL C 223 7.90 -6.99 -11.92
C VAL C 223 7.03 -5.73 -12.01
N VAL C 224 7.66 -4.64 -12.40
CA VAL C 224 6.96 -3.39 -12.57
C VAL C 224 5.91 -3.54 -13.69
N GLY C 225 6.27 -4.29 -14.73
CA GLY C 225 5.38 -4.45 -15.84
C GLY C 225 4.37 -5.57 -15.70
N THR C 226 4.06 -5.94 -14.46
CA THR C 226 3.11 -7.01 -14.23
C THR C 226 1.71 -6.53 -14.59
N THR C 227 0.96 -7.36 -15.31
CA THR C 227 -0.36 -6.93 -15.84
C THR C 227 -1.46 -7.96 -15.72
N ARG C 228 -2.62 -7.54 -15.28
CA ARG C 228 -3.74 -8.46 -15.22
C ARG C 228 -4.60 -8.37 -16.51
N HIS C 229 -5.11 -9.53 -16.92
CA HIS C 229 -5.99 -9.63 -18.08
C HIS C 229 -7.35 -10.13 -17.66
N ILE C 230 -8.40 -9.36 -17.92
CA ILE C 230 -9.75 -9.82 -17.60
C ILE C 230 -10.06 -11.09 -18.42
N ARG C 231 -10.22 -12.22 -17.74
CA ARG C 231 -10.47 -13.50 -18.43
C ARG C 231 -11.80 -13.41 -19.18
N HIS C 232 -11.83 -13.86 -20.43
CA HIS C 232 -13.05 -13.69 -21.26
C HIS C 232 -13.16 -14.72 -22.38
N SER C 233 -14.38 -15.14 -22.70
CA SER C 233 -14.63 -16.03 -23.86
C SER C 233 -14.44 -15.31 -25.21
N ARG C 234 -14.23 -16.09 -26.27
CA ARG C 234 -14.03 -15.55 -27.63
C ARG C 234 -15.06 -14.46 -28.08
N ASP C 235 -14.59 -13.52 -28.87
CA ASP C 235 -15.49 -12.51 -29.44
C ASP C 235 -16.07 -13.05 -30.74
N LYS C 236 -17.37 -12.88 -30.90
CA LYS C 236 -18.00 -13.09 -32.18
C LYS C 236 -17.48 -12.04 -33.18
N LYS C 237 -17.19 -12.48 -34.39
CA LYS C 237 -16.81 -11.62 -35.51
C LYS C 237 -15.40 -11.04 -35.40
N ASN C 238 -14.51 -11.83 -34.82
CA ASN C 238 -13.07 -11.54 -34.83
C ASN C 238 -12.32 -12.87 -34.88
N GLU C 239 -12.60 -13.67 -35.90
CA GLU C 239 -11.94 -14.95 -36.09
C GLU C 239 -10.49 -14.82 -36.55
N PRO C 240 -9.61 -15.71 -36.08
CA PRO C 240 -8.20 -15.71 -36.47
C PRO C 240 -8.07 -15.46 -37.95
N ASN C 241 -7.15 -14.59 -38.33
CA ASN C 241 -6.98 -14.18 -39.71
C ASN C 241 -5.94 -15.04 -40.43
N PRO C 242 -6.40 -15.86 -41.39
CA PRO C 242 -5.52 -16.80 -42.09
C PRO C 242 -4.46 -16.13 -42.95
N GLN C 243 -4.67 -14.88 -43.35
CA GLN C 243 -3.65 -14.18 -44.15
C GLN C 243 -2.54 -13.58 -43.30
N ARG C 244 -2.70 -13.58 -41.97
CA ARG C 244 -1.76 -12.86 -41.09
C ARG C 244 -0.27 -13.12 -41.35
N PHE C 245 0.08 -14.38 -41.62
CA PHE C 245 1.48 -14.76 -41.72
C PHE C 245 2.10 -14.20 -42.98
N ASP C 246 1.37 -14.32 -44.09
CA ASP C 246 1.82 -13.75 -45.36
C ASP C 246 1.97 -12.25 -45.18
N ARG C 247 0.98 -11.63 -44.56
CA ARG C 247 1.02 -10.18 -44.30
C ARG C 247 2.27 -9.73 -43.54
N ILE C 248 2.62 -10.41 -42.43
CA ILE C 248 3.81 -10.02 -41.67
C ILE C 248 5.14 -10.22 -42.43
N ALA C 249 5.15 -11.19 -43.35
CA ALA C 249 6.34 -11.45 -44.15
C ALA C 249 6.64 -10.33 -45.13
N HIS C 250 5.63 -9.49 -45.39
CA HIS C 250 5.78 -8.44 -46.40
C HIS C 250 5.80 -7.01 -45.87
N THR C 251 5.97 -6.87 -44.56
CA THR C 251 5.91 -5.56 -43.90
C THR C 251 6.83 -4.51 -44.51
N LYS C 252 8.08 -4.87 -44.80
CA LYS C 252 9.02 -3.85 -45.27
C LYS C 252 8.50 -3.12 -46.51
N GLU C 253 7.71 -3.82 -47.32
CA GLU C 253 7.15 -3.24 -48.55
C GLU C 253 5.87 -2.49 -48.24
N THR C 254 4.87 -3.22 -47.76
CA THR C 254 3.56 -2.63 -47.57
C THR C 254 3.54 -1.40 -46.64
N MET C 255 4.40 -1.37 -45.61
CA MET C 255 4.35 -0.28 -44.62
C MET C 255 4.44 1.10 -45.33
N LEU C 256 5.24 1.20 -46.38
CA LEU C 256 5.40 2.48 -47.11
C LEU C 256 4.07 2.98 -47.69
N SER C 257 3.16 2.04 -47.98
CA SER C 257 1.97 2.31 -48.79
C SER C 257 0.67 2.04 -48.04
N ASP C 258 0.78 1.32 -46.91
CA ASP C 258 -0.36 1.05 -46.06
C ASP C 258 -0.16 1.53 -44.59
N GLY C 259 -1.18 2.17 -44.05
CA GLY C 259 -1.03 2.88 -42.82
C GLY C 259 -1.73 4.20 -42.82
N LEU C 260 -1.03 5.20 -42.31
CA LEU C 260 -1.64 6.51 -42.02
C LEU C 260 -1.99 7.25 -43.32
N ASN C 261 -1.09 7.15 -44.29
CA ASN C 261 -1.24 7.78 -45.58
C ASN C 261 -2.20 7.05 -46.50
N SER C 262 -2.82 5.98 -46.04
CA SER C 262 -3.74 5.22 -46.86
C SER C 262 -5.02 5.10 -46.08
N LEU C 263 -5.07 5.83 -44.98
CA LEU C 263 -6.10 5.60 -43.97
C LEU C 263 -7.44 6.21 -44.39
N THR C 264 -8.52 5.43 -44.34
CA THR C 264 -9.82 6.01 -44.62
C THR C 264 -10.88 5.50 -43.64
N TYR C 265 -11.83 6.35 -43.26
CA TYR C 265 -12.90 5.92 -42.35
C TYR C 265 -13.90 7.06 -42.25
N GLN C 266 -15.05 6.78 -41.65
CA GLN C 266 -15.99 7.82 -41.36
C GLN C 266 -16.49 7.82 -39.88
N VAL C 267 -16.33 8.95 -39.17
CA VAL C 267 -16.83 9.07 -37.80
C VAL C 267 -18.35 9.19 -37.84
N LEU C 268 -19.08 8.45 -37.01
CA LEU C 268 -20.55 8.58 -37.00
C LEU C 268 -21.13 9.29 -35.77
N ASP C 269 -20.50 9.07 -34.61
CA ASP C 269 -20.79 9.87 -33.42
C ASP C 269 -19.64 9.86 -32.39
N VAL C 270 -19.53 10.98 -31.71
CA VAL C 270 -18.51 11.22 -30.74
C VAL C 270 -19.30 11.49 -29.46
N GLN C 271 -19.04 10.71 -28.41
CA GLN C 271 -19.68 10.97 -27.13
C GLN C 271 -18.65 11.40 -26.13
N ARG C 272 -18.92 12.53 -25.50
CA ARG C 272 -18.12 13.00 -24.37
C ARG C 272 -18.79 12.49 -23.08
N TYR C 273 -18.40 11.30 -22.64
CA TYR C 273 -18.86 10.82 -21.33
C TYR C 273 -18.01 11.44 -20.18
N PRO C 274 -18.46 11.26 -18.92
CA PRO C 274 -17.58 11.89 -17.91
C PRO C 274 -16.17 11.32 -17.87
N LEU C 275 -16.03 10.01 -18.04
CA LEU C 275 -14.71 9.36 -17.97
C LEU C 275 -13.98 9.01 -19.27
N TYR C 276 -14.63 9.21 -20.42
CA TYR C 276 -13.97 8.92 -21.69
C TYR C 276 -14.70 9.56 -22.87
N THR C 277 -13.98 9.68 -23.97
CA THR C 277 -14.55 10.09 -25.23
C THR C 277 -14.69 8.81 -26.03
N GLN C 278 -15.92 8.50 -26.42
CA GLN C 278 -16.19 7.39 -27.34
C GLN C 278 -16.39 7.91 -28.78
N ILE C 279 -15.47 7.52 -29.68
CA ILE C 279 -15.56 7.77 -31.13
C ILE C 279 -16.09 6.55 -31.91
N THR C 280 -17.36 6.56 -32.28
CA THR C 280 -17.92 5.45 -33.09
C THR C 280 -17.59 5.65 -34.60
N VAL C 281 -16.89 4.69 -35.17
CA VAL C 281 -16.36 4.92 -36.51
C VAL C 281 -16.63 3.73 -37.42
N ASP C 282 -16.82 4.04 -38.71
CA ASP C 282 -17.00 3.07 -39.79
C ASP C 282 -15.67 2.93 -40.44
N ILE C 283 -15.08 1.76 -40.30
CA ILE C 283 -13.73 1.56 -40.83
C ILE C 283 -13.80 0.65 -42.05
N GLY C 284 -15.01 0.14 -42.31
CA GLY C 284 -15.34 -0.54 -43.55
C GLY C 284 -15.33 -2.04 -43.44
N THR C 285 -15.01 -2.69 -44.57
CA THR C 285 -14.98 -4.13 -44.71
C THR C 285 -13.79 -4.46 -45.62
N PRO C 286 -13.34 -5.72 -45.61
CA PRO C 286 -12.12 -6.04 -46.36
C PRO C 286 -12.31 -6.21 -47.89
N SER C 287 -11.25 -6.64 -48.57
CA SER C 287 -11.26 -7.04 -49.98
C SER C 287 -12.45 -7.93 -50.31
C1 BBV D . 12.89 -18.29 27.30
O1 BBV D . 13.22 -19.60 27.71
C2 BBV D . 13.65 -17.25 28.13
N2 BBV D . 15.10 -17.35 27.98
C3 BBV D . 13.19 -17.30 29.59
O3 BBV D . 13.69 -16.12 30.17
C4 BBV D . 11.66 -17.20 29.69
O4 BBV D . 11.22 -17.40 31.01
C5 BBV D . 10.95 -18.16 28.73
O5 BBV D . 11.49 -18.07 27.40
C6 BBV D . 9.42 -17.98 28.72
O6 BBV D . 8.82 -19.20 28.32
C7 BBV D . 15.89 -16.35 27.57
O7 BBV D . 15.47 -15.23 27.26
C8 BBV D . 17.37 -16.61 27.45
C1' BBV D . 13.57 -21.90 27.45
C2' BBV D . 13.56 -22.14 28.84
C3' BBV D . 14.11 -22.80 26.55
C4' BBV D . 14.15 -23.30 29.34
C5' BBV D . 14.70 -23.97 27.06
C6' BBV D . 14.72 -24.22 28.46
C7' BBV D . 12.96 -20.63 26.91
C1 NAG D . 8.74 -19.32 26.87
C2 NAG D . 8.20 -20.73 26.55
C3 NAG D . 7.85 -20.94 25.07
C4 NAG D . 6.95 -19.83 24.58
C5 NAG D . 7.60 -18.49 24.89
C6 NAG D . 6.71 -17.36 24.42
C7 NAG D . 9.09 -22.45 28.05
C8 NAG D . 10.15 -23.50 28.24
N2 NAG D . 9.13 -21.77 26.92
O3 NAG D . 7.24 -22.20 24.93
O4 NAG D . 6.78 -19.97 23.17
O5 NAG D . 7.89 -18.32 26.28
O6 NAG D . 5.65 -17.18 25.33
O7 NAG D . 8.27 -22.23 28.94
C1 BBV E . 10.60 34.21 -0.26
O1 BBV E . 10.96 35.28 0.57
C2 BBV E . 11.06 34.48 -1.68
N2 BBV E . 12.52 34.51 -1.73
C3 BBV E . 10.35 35.71 -2.25
O3 BBV E . 10.60 35.73 -3.63
C4 BBV E . 8.85 35.46 -2.12
O4 BBV E . 8.07 36.50 -2.66
C5 BBV E . 8.50 35.25 -0.65
O5 BBV E . 9.19 34.10 -0.26
C6 BBV E . 7.02 34.97 -0.40
O6 BBV E . 6.79 35.22 0.97
C7 BBV E . 13.23 33.77 -2.59
O7 BBV E . 12.72 33.02 -3.44
C8 BBV E . 14.72 33.95 -2.48
C1' BBV E . 11.82 36.13 2.48
C2' BBV E . 11.58 37.42 1.95
C3' BBV E . 12.62 35.97 3.60
C4' BBV E . 12.15 38.55 2.57
C5' BBV E . 13.20 37.08 4.22
C6' BBV E . 12.94 38.37 3.73
C7' BBV E . 11.24 34.91 1.82
C1 NAG E . 6.89 34.05 1.81
C2 NAG E . 6.54 34.45 3.23
C3 NAG E . 6.40 33.23 4.11
C4 NAG E . 5.46 32.20 3.48
C5 NAG E . 6.02 31.90 2.09
C6 NAG E . 5.30 30.80 1.31
C7 NAG E . 7.33 36.66 3.73
C8 NAG E . 8.43 37.57 4.23
N2 NAG E . 7.56 35.35 3.75
O3 NAG E . 6.06 33.60 5.42
O4 NAG E . 5.56 31.02 4.20
O5 NAG E . 6.00 33.08 1.34
O6 NAG E . 3.89 30.94 1.34
O7 NAG E . 6.24 37.10 3.29
C1 BBV F . 4.65 -16.10 -31.81
O1 BBV F . 4.90 -15.68 -33.13
C2 BBV F . 5.27 -17.49 -31.62
N2 BBV F . 6.63 -17.35 -32.14
C3 BBV F . 4.34 -18.55 -32.22
O3 BBV F . 4.85 -19.85 -31.99
C4 BBV F . 2.97 -18.43 -31.57
O4 BBV F . 2.07 -19.48 -31.92
C5 BBV F . 2.40 -17.06 -31.88
O5 BBV F . 3.29 -16.04 -31.47
C6 BBV F . 1.06 -16.82 -31.16
O6 BBV F . 0.34 -15.82 -31.85
C7 BBV F . 7.73 -17.38 -31.34
O7 BBV F . 7.66 -17.60 -30.12
C8 BBV F . 9.08 -17.19 -31.98
C1' BBV F . 4.76 -14.58 -35.14
C2' BBV F . 4.59 -15.70 -35.95
C3' BBV F . 5.35 -13.42 -35.65
C4' BBV F . 5.01 -15.67 -37.29
C5' BBV F . 5.77 -13.40 -36.98
C6' BBV F . 5.59 -14.51 -37.80
C7' BBV F . 4.32 -14.62 -33.70
C1 NAG F . 0.52 -14.49 -31.35
C2 NAG F . -0.14 -13.54 -32.34
C3 NAG F . -0.19 -12.13 -31.78
C4 NAG F . -0.82 -12.12 -30.39
C5 NAG F . -0.07 -13.11 -29.51
C6 NAG F . -0.69 -13.21 -28.12
C7 NAG F . 0.10 -14.14 -34.72
C8 NAG F . 0.90 -13.99 -35.98
N2 NAG F . 0.55 -13.48 -33.62
O3 NAG F . -0.87 -11.30 -32.69
O4 NAG F . -0.76 -10.82 -29.84
O5 NAG F . -0.10 -14.39 -30.09
O6 NAG F . -1.90 -13.93 -28.12
O7 NAG F . -0.92 -14.84 -34.71
N1 UDP G . -4.93 -23.22 21.34
C2 UDP G . -6.31 -23.33 21.13
N3 UDP G . -7.16 -23.54 22.20
C4 UDP G . -6.67 -23.66 23.50
C5 UDP G . -5.28 -23.55 23.70
C6 UDP G . -4.47 -23.07 22.66
O2 UDP G . -6.79 -23.24 19.97
O4 UDP G . -7.49 -23.88 24.41
C1' UDP G . -4.03 -23.05 20.16
C2' UDP G . -4.20 -21.77 19.38
O2' UDP G . -3.79 -22.06 18.04
C3' UDP G . -3.19 -20.88 20.07
C4' UDP G . -2.04 -21.83 20.27
O4' UDP G . -2.65 -23.09 20.49
O3' UDP G . -2.79 -19.86 19.18
C5' UDP G . -1.02 -21.43 21.34
O5' UDP G . -1.55 -21.18 22.63
PA UDP G . -1.66 -19.67 23.31
O1A UDP G . -2.50 -18.75 22.48
O2A UDP G . -2.15 -19.71 24.69
O3A UDP G . -0.17 -19.02 23.40
PB UDP G . 0.00 -17.59 24.15
O1B UDP G . 1.46 -17.39 24.43
O2B UDP G . -0.68 -17.62 25.48
O3B UDP G . -0.59 -16.51 23.27
MN MN H . -2.11 -16.64 21.95
S SO4 I . -7.26 -4.20 17.45
O1 SO4 I . -6.74 -4.31 16.07
O2 SO4 I . -8.39 -5.10 17.71
O3 SO4 I . -6.28 -4.50 18.49
O4 SO4 I . -7.69 -2.81 17.61
S SO4 J . -5.55 -17.44 -10.01
O1 SO4 J . -6.12 -16.73 -11.16
O2 SO4 J . -5.89 -16.75 -8.77
O3 SO4 J . -6.17 -18.77 -9.96
O4 SO4 J . -4.09 -17.59 -10.23
S SO4 K . -4.07 -43.48 13.64
O1 SO4 K . -5.51 -43.73 13.81
O2 SO4 K . -3.50 -44.59 12.89
O3 SO4 K . -3.92 -42.30 12.79
O4 SO4 K . -3.38 -43.30 14.93
S SO4 L . 7.88 -43.77 24.43
O1 SO4 L . 6.97 -42.60 24.63
O2 SO4 L . 9.22 -43.24 24.64
O3 SO4 L . 7.69 -44.94 25.40
O4 SO4 L . 7.85 -44.19 22.99
C1 GOL M . 2.79 -22.77 24.72
O1 GOL M . 3.07 -24.08 24.33
C2 GOL M . 3.16 -21.67 23.71
O2 GOL M . 2.00 -21.37 22.95
C3 GOL M . 4.39 -22.06 22.87
O3 GOL M . 4.02 -22.61 21.61
N1 UDP N . -4.79 29.87 10.61
C2 UDP N . -6.10 29.63 11.06
N3 UDP N . -7.13 30.51 10.88
C4 UDP N . -6.86 31.69 10.20
C5 UDP N . -5.57 31.98 9.75
C6 UDP N . -4.53 31.03 9.94
O2 UDP N . -6.37 28.61 11.65
O4 UDP N . -7.79 32.50 10.07
C1' UDP N . -3.75 28.83 10.85
C2' UDP N . -4.08 27.58 10.07
O2' UDP N . -3.47 26.46 10.71
C3' UDP N . -3.37 27.81 8.75
C4' UDP N . -2.07 28.47 9.24
O4' UDP N . -2.47 29.24 10.39
O3' UDP N . -3.15 26.59 8.08
C5' UDP N . -1.37 29.32 8.20
O5' UDP N . -2.30 30.11 7.49
PA UDP N . -2.81 29.87 5.91
O1A UDP N . -3.46 28.55 5.62
O2A UDP N . -3.80 30.89 5.52
O3A UDP N . -1.50 30.10 4.97
PB UDP N . -1.66 30.21 3.35
O1B UDP N . -0.34 30.74 2.86
O2B UDP N . -2.80 31.13 2.99
O3B UDP N . -1.95 28.84 2.78
MN MN O . -3.41 27.40 3.83
S SO4 P . -1.16 -0.05 20.21
O1 SO4 P . 0.26 0.08 20.56
O2 SO4 P . -1.70 -1.43 20.07
O3 SO4 P . -2.00 0.64 21.22
O4 SO4 P . -1.32 0.63 18.92
S SO4 Q . 3.56 44.90 18.49
O1 SO4 Q . 5.00 45.29 18.67
O2 SO4 Q . 3.17 43.74 19.32
O3 SO4 Q . 2.71 46.05 18.81
O4 SO4 Q . 3.24 44.64 17.08
S SO4 R . -13.28 27.26 1.86
O1 SO4 R . -12.85 28.19 0.82
O2 SO4 R . -13.10 25.87 1.40
O3 SO4 R . -12.50 27.49 3.07
O4 SO4 R . -14.71 27.42 2.13
S SO4 S . -9.46 16.95 -3.19
O1 SO4 S . -10.31 16.11 -4.04
O2 SO4 S . -8.87 17.98 -4.02
O3 SO4 S . -10.29 17.60 -2.19
O4 SO4 S . -8.46 16.13 -2.51
S SO4 T . 16.35 11.55 7.30
O1 SO4 T . 17.17 11.51 6.08
O2 SO4 T . 16.32 10.24 7.96
O3 SO4 T . 16.95 12.54 8.19
O4 SO4 T . 14.97 11.86 6.89
C1 GOL U . 2.90 32.80 6.87
O1 GOL U . 2.28 33.41 8.02
C2 GOL U . 2.52 31.34 6.52
O2 GOL U . 1.15 31.06 6.33
C3 GOL U . 2.89 30.49 7.70
O3 GOL U . 4.19 30.86 8.02
N1 UDP V . -11.78 -5.90 -29.10
C2 UDP V . -13.07 -5.56 -28.76
N3 UDP V . -14.15 -6.29 -29.22
C4 UDP V . -13.92 -7.39 -30.03
C5 UDP V . -12.64 -7.74 -30.39
C6 UDP V . -11.58 -7.04 -29.84
O2 UDP V . -13.28 -4.59 -28.05
O4 UDP V . -14.87 -8.04 -30.48
C1' UDP V . -10.61 -5.12 -28.60
C2' UDP V . -10.50 -5.21 -27.09
O2' UDP V . -9.97 -3.96 -26.68
C3' UDP V . -9.54 -6.36 -26.89
C4' UDP V . -8.57 -6.19 -28.04
O4' UDP V . -9.36 -5.61 -29.08
O3' UDP V . -8.80 -6.29 -25.70
C5' UDP V . -7.79 -7.46 -28.35
O5' UDP V . -8.65 -8.55 -28.63
PA UDP V . -8.84 -9.89 -27.70
O1A UDP V . -9.48 -9.56 -26.41
O2A UDP V . -9.66 -10.93 -28.37
O3A UDP V . -7.35 -10.47 -27.45
PB UDP V . -7.13 -11.89 -26.70
O1B UDP V . -5.86 -12.43 -27.27
O2B UDP V . -8.30 -12.79 -27.01
O3B UDP V . -7.03 -11.68 -25.22
MN MN W . -8.27 -10.29 -24.28
S SO4 X . -4.88 17.71 -9.01
O1 SO4 X . -5.22 18.51 -7.83
O2 SO4 X . -3.73 18.30 -9.69
O3 SO4 X . -4.61 16.32 -8.61
O4 SO4 X . -6.04 17.70 -9.88
S SO4 Y . -10.94 -12.01 -10.30
O1 SO4 Y . -9.82 -12.11 -11.25
O2 SO4 Y . -11.27 -13.33 -9.76
O3 SO4 Y . -10.58 -11.11 -9.21
O4 SO4 Y . -12.14 -11.51 -10.96
C1 GOL Z . -4.67 -10.03 -32.03
O1 GOL Z . -5.57 -9.04 -32.52
C2 GOL Z . -4.26 -9.78 -30.57
O2 GOL Z . -5.34 -10.07 -29.70
C3 GOL Z . -3.91 -8.32 -30.37
O3 GOL Z . -2.61 -8.12 -30.87
#